data_6M5A
#
_entry.id   6M5A
#
_cell.length_a   81.526
_cell.length_b   88.616
_cell.length_c   127.918
_cell.angle_alpha   90.000
_cell.angle_beta   90.000
_cell.angle_gamma   90.000
#
_symmetry.space_group_name_H-M   'P 21 21 21'
#
loop_
_entity.id
_entity.type
_entity.pdbx_description
1 polymer Beta-L-arabinobiosidase
2 non-polymer DI(HYDROXYETHYL)ETHER
3 non-polymer 'TRIETHYLENE GLYCOL'
4 non-polymer 1,2-ETHANEDIOL
5 non-polymer 'TETRAETHYLENE GLYCOL'
6 non-polymer 'CALCIUM ION'
7 water water
#
_entity_poly.entity_id   1
_entity_poly.type   'polypeptide(L)'
_entity_poly.pdbx_seq_one_letter_code
;MADAPVIKNADVAYPSFKGSDDPMKTAANNTTYNPAVSYLQETFDNDVKNLAGIDTDHDFWIDKILTRTGAQPTGKGTND
KGAYSYEGSDGNNYLFTRGRAAYMYTHTPNQLGFVGDTAYWDQTSRSGFTVTVNADGSNQTLNEDASQRKQTPSYFTSLF
QTGGKSLKIKEVKYITYNNVMVANLTVESTQDRDVTLTTASPFAAEGADGATELTGRVNVKNNLTTIYPRFSANNQDGSN
WIVSGGKLTSTLSLKANEPQTVKIQLGLIANELPDSTKEYEARYTGDLKDAAASYKDSVTTYNKWWVDNAPYVDTPEDNI
DKTVVYRWWLSRFNMLDANMPGNTFQYPTSIEGVLGYNNQIVLTSGMFMMDTKWFRNPEYSYGTWLSAGDTAKKSKAGYY
YYHDNPGDPANWNHSYTQYITRAGWDSYKVHGGPSTVAEELADQGAEDVQGLLASKSEPDNNDNQNNNDNSLIDWSWWSM
TGNDADAVSFSEPGRSGQRMDRADGSANMWANANAAAQAYKAAGDTANAEKMQAIADKIQKEVTTELWDKSDNLLKHKWL
NDGAFAKYKEINNYYPYSEGLMPTGNEDYNKALRLFEDSNEFPIFPFFTANQADKAALNFPGSNNFSIINAQPLLQVYSA
GIRNYDAAKNGYITNEQFKKLLYWVAFAHYQGGDNNYPDQNEFWNEDNNNVGDVNGDGVINNLDKNLDAAQNGGKITYRS
WIHHTQLGTTNWTMVEDVAGMVPREDNKIELNPIEIPGWNYFTVNNLRYHDQDVSIVWDKDGSHYGGPAGYSLYVGGKLA
FTSDKLAHLIYDPAAGTVEVKDDSSAQVTVGAEAVKNVKAANQVTFNADQRVTDLFAKSGTNVLEHHHHHH
;
_entity_poly.pdbx_strand_id   A
#
loop_
_chem_comp.id
_chem_comp.type
_chem_comp.name
_chem_comp.formula
CA non-polymer 'CALCIUM ION' 'Ca 2'
EDO non-polymer 1,2-ETHANEDIOL 'C2 H6 O2'
PEG non-polymer DI(HYDROXYETHYL)ETHER 'C4 H10 O3'
PG4 non-polymer 'TETRAETHYLENE GLYCOL' 'C8 H18 O5'
PGE non-polymer 'TRIETHYLENE GLYCOL' 'C6 H14 O4'
#
# COMPACT_ATOMS: atom_id res chain seq x y z
N ILE A 7 21.62 17.33 -18.51
CA ILE A 7 22.27 16.95 -17.21
C ILE A 7 21.93 15.52 -16.79
N LYS A 8 22.89 14.84 -16.17
CA LYS A 8 22.82 13.41 -15.80
C LYS A 8 22.06 13.20 -14.49
N ASN A 9 21.28 12.13 -14.44
CA ASN A 9 20.55 11.68 -13.23
C ASN A 9 21.53 11.36 -12.10
N ALA A 10 22.69 10.78 -12.39
CA ALA A 10 23.65 10.32 -11.37
C ALA A 10 24.11 11.52 -10.51
N ASP A 11 23.99 12.76 -11.01
CA ASP A 11 24.45 13.96 -10.25
C ASP A 11 23.28 14.94 -9.93
N VAL A 12 22.00 14.53 -9.96
CA VAL A 12 20.91 15.42 -9.44
C VAL A 12 21.03 15.48 -7.92
N ALA A 13 20.51 16.53 -7.31
CA ALA A 13 20.56 16.69 -5.84
C ALA A 13 19.63 15.68 -5.18
N TYR A 14 19.93 15.37 -3.92
CA TYR A 14 19.05 14.65 -2.98
C TYR A 14 17.94 15.57 -2.49
N PRO A 15 16.84 14.99 -1.96
CA PRO A 15 15.86 15.73 -1.19
C PRO A 15 16.46 16.02 0.20
N SER A 16 15.88 16.97 0.91
CA SER A 16 16.24 17.32 2.30
C SER A 16 14.97 17.15 3.12
N PHE A 17 14.96 16.14 3.97
CA PHE A 17 13.81 15.84 4.86
C PHE A 17 13.75 16.87 5.98
N LYS A 18 12.53 17.31 6.30
CA LYS A 18 12.27 18.26 7.41
C LYS A 18 11.46 17.54 8.47
N GLY A 19 11.19 18.21 9.57
CA GLY A 19 10.29 17.75 10.64
C GLY A 19 11.06 17.24 11.83
N SER A 20 10.66 16.08 12.31
CA SER A 20 11.17 15.43 13.54
C SER A 20 12.61 14.98 13.33
N ASP A 21 13.40 15.06 14.40
CA ASP A 21 14.73 14.40 14.47
C ASP A 21 14.60 12.88 14.54
N ASP A 22 13.44 12.32 14.91
CA ASP A 22 13.31 10.89 15.27
C ASP A 22 12.04 10.36 14.65
N PRO A 23 11.94 10.36 13.30
CA PRO A 23 10.72 9.92 12.64
C PRO A 23 10.40 8.45 12.91
N MET A 24 11.41 7.62 13.16
CA MET A 24 11.13 6.21 13.57
C MET A 24 11.00 6.11 15.10
N LYS A 25 10.99 7.21 15.85
CA LYS A 25 10.75 7.16 17.31
C LYS A 25 11.66 6.08 17.93
N THR A 26 12.94 6.10 17.57
CA THR A 26 13.97 5.12 18.00
C THR A 26 14.12 5.19 19.52
N ALA A 27 14.04 6.40 20.09
CA ALA A 27 14.20 6.62 21.54
C ALA A 27 12.97 6.13 22.31
N ALA A 28 11.86 5.83 21.64
CA ALA A 28 10.66 5.27 22.30
C ALA A 28 10.70 3.74 22.26
N ASN A 29 11.69 3.14 21.61
CA ASN A 29 11.77 1.68 21.47
C ASN A 29 13.17 1.18 21.84
N ASN A 30 13.30 0.70 23.06
CA ASN A 30 14.57 0.22 23.66
C ASN A 30 14.94 -1.18 23.15
N THR A 31 14.07 -1.85 22.39
CA THR A 31 14.22 -3.27 22.04
C THR A 31 15.51 -3.47 21.23
N THR A 32 16.44 -4.28 21.69
CA THR A 32 17.64 -4.64 20.89
C THR A 32 17.16 -5.56 19.77
N TYR A 33 17.76 -5.39 18.60
CA TYR A 33 17.43 -6.17 17.40
C TYR A 33 18.11 -7.53 17.48
N ASN A 34 17.33 -8.61 17.38
CA ASN A 34 17.85 -9.97 17.12
C ASN A 34 17.20 -10.45 15.84
N PRO A 35 17.98 -10.59 14.73
CA PRO A 35 17.41 -10.98 13.44
C PRO A 35 16.80 -12.39 13.39
N ALA A 36 17.13 -13.25 14.36
CA ALA A 36 16.59 -14.63 14.47
C ALA A 36 15.10 -14.62 14.90
N VAL A 37 14.58 -13.48 15.38
CA VAL A 37 13.18 -13.39 15.86
C VAL A 37 12.52 -12.14 15.30
N SER A 38 11.23 -12.05 15.53
CA SER A 38 10.39 -10.93 15.10
C SER A 38 10.71 -9.72 15.97
N TYR A 39 11.23 -8.68 15.37
CA TYR A 39 11.51 -7.40 16.09
C TYR A 39 10.19 -6.76 16.54
N LEU A 40 9.16 -6.84 15.73
CA LEU A 40 7.84 -6.26 16.12
C LEU A 40 7.25 -7.08 17.25
N GLN A 41 7.45 -8.40 17.29
CA GLN A 41 6.95 -9.18 18.47
C GLN A 41 7.67 -8.69 19.74
N GLU A 42 8.99 -8.55 19.66
CA GLU A 42 9.81 -8.17 20.85
C GLU A 42 9.42 -6.75 21.24
N THR A 43 9.26 -5.87 20.25
CA THR A 43 8.82 -4.47 20.48
C THR A 43 7.47 -4.52 21.18
N PHE A 44 6.55 -5.31 20.67
CA PHE A 44 5.19 -5.38 21.23
C PHE A 44 5.27 -5.84 22.69
N ASP A 45 6.03 -6.91 22.94
CA ASP A 45 6.24 -7.42 24.32
C ASP A 45 6.72 -6.27 25.21
N ASN A 46 7.74 -5.50 24.78
CA ASN A 46 8.29 -4.40 25.62
C ASN A 46 7.25 -3.29 25.76
N ASP A 47 6.50 -2.99 24.70
CA ASP A 47 5.42 -1.98 24.73
C ASP A 47 4.41 -2.37 25.80
N VAL A 48 3.95 -3.64 25.78
CA VAL A 48 2.96 -4.13 26.77
C VAL A 48 3.59 -4.05 28.17
N LYS A 49 4.87 -4.37 28.33
CA LYS A 49 5.53 -4.28 29.67
C LYS A 49 5.48 -2.83 30.17
N ASN A 50 5.48 -1.86 29.26
CA ASN A 50 5.52 -0.41 29.54
C ASN A 50 4.11 0.17 29.50
N LEU A 51 3.07 -0.66 29.57
CA LEU A 51 1.65 -0.26 29.74
C LEU A 51 1.10 0.28 28.42
N ALA A 52 1.67 -0.09 27.28
CA ALA A 52 1.11 0.31 25.97
C ALA A 52 -0.35 -0.12 25.96
N GLY A 53 -1.23 0.78 25.51
CA GLY A 53 -2.67 0.52 25.34
C GLY A 53 -3.49 0.86 26.55
N ILE A 54 -2.90 1.24 27.69
CA ILE A 54 -3.77 1.50 28.88
C ILE A 54 -4.48 2.84 28.68
N ASP A 55 -3.83 3.75 27.98
CA ASP A 55 -4.43 5.07 27.69
C ASP A 55 -3.68 5.71 26.51
N THR A 56 -4.16 6.88 26.09
CA THR A 56 -3.65 7.60 24.91
C THR A 56 -2.27 8.18 25.21
N ASP A 57 -1.76 8.08 26.45
CA ASP A 57 -0.38 8.53 26.77
C ASP A 57 0.62 7.38 26.75
N HIS A 58 0.17 6.16 26.51
CA HIS A 58 0.99 4.94 26.48
C HIS A 58 0.78 4.24 25.13
N ASP A 59 1.61 4.60 24.17
CA ASP A 59 1.41 4.11 22.79
C ASP A 59 2.25 2.88 22.51
N PHE A 60 1.71 1.98 21.72
CA PHE A 60 2.53 1.02 20.93
C PHE A 60 3.42 1.80 19.97
N TRP A 61 4.56 1.21 19.66
CA TRP A 61 5.60 1.86 18.83
C TRP A 61 5.03 2.29 17.46
N ILE A 62 4.24 1.48 16.79
CA ILE A 62 3.82 1.84 15.41
C ILE A 62 2.87 3.04 15.51
N ASP A 63 2.04 3.06 16.53
CA ASP A 63 1.13 4.20 16.79
C ASP A 63 1.98 5.46 17.05
N LYS A 64 3.09 5.35 17.79
CA LYS A 64 3.96 6.52 18.07
C LYS A 64 4.49 7.00 16.73
N ILE A 65 5.03 6.08 15.96
CA ILE A 65 5.62 6.45 14.66
C ILE A 65 4.59 7.18 13.82
N LEU A 66 3.35 6.65 13.72
CA LEU A 66 2.36 7.24 12.77
C LEU A 66 1.42 8.21 13.47
N THR A 67 1.84 8.73 14.61
CA THR A 67 1.09 9.75 15.37
C THR A 67 0.98 11.02 14.54
N ARG A 68 -0.23 11.57 14.49
CA ARG A 68 -0.49 12.88 13.86
C ARG A 68 -1.13 13.77 14.93
N THR A 69 -0.48 14.89 15.26
CA THR A 69 -0.99 15.85 16.28
C THR A 69 -1.35 17.18 15.64
N GLY A 70 -2.31 17.86 16.24
CA GLY A 70 -2.70 19.19 15.78
C GLY A 70 -3.59 19.13 14.56
N ALA A 71 -4.07 20.28 14.17
CA ALA A 71 -4.78 20.50 12.89
C ALA A 71 -3.72 20.93 11.89
N GLN A 72 -2.75 20.04 11.64
CA GLN A 72 -1.50 20.33 10.93
C GLN A 72 -1.28 19.20 9.94
N PRO A 73 -0.61 19.45 8.80
CA PRO A 73 -0.10 20.77 8.46
C PRO A 73 -1.16 21.58 7.69
N THR A 74 -0.81 22.80 7.28
CA THR A 74 -1.79 23.73 6.70
C THR A 74 -1.28 24.32 5.38
N GLY A 75 -0.23 23.77 4.79
CA GLY A 75 0.19 24.17 3.43
C GLY A 75 1.42 25.05 3.45
N LYS A 76 2.12 25.11 4.58
CA LYS A 76 3.39 25.86 4.69
C LYS A 76 4.53 24.85 4.94
N GLY A 77 5.45 24.79 4.00
CA GLY A 77 6.65 23.93 4.06
C GLY A 77 7.91 24.76 3.97
N THR A 78 9.04 24.12 4.14
CA THR A 78 10.36 24.75 4.03
C THR A 78 11.29 23.75 3.37
N ASN A 79 12.12 24.17 2.42
CA ASN A 79 13.23 23.31 1.95
C ASN A 79 14.52 23.97 2.46
N ASP A 80 15.67 23.74 1.84
CA ASP A 80 16.95 24.24 2.36
C ASP A 80 17.07 25.73 2.06
N LYS A 81 16.26 26.25 1.16
CA LYS A 81 16.38 27.64 0.65
C LYS A 81 15.37 28.51 1.39
N GLY A 82 14.13 28.04 1.58
CA GLY A 82 13.15 28.79 2.37
C GLY A 82 11.77 28.19 2.33
N ALA A 83 10.78 29.01 2.71
CA ALA A 83 9.39 28.57 2.90
C ALA A 83 8.76 28.50 1.51
N TYR A 84 7.84 27.56 1.34
CA TYR A 84 7.02 27.47 0.14
C TYR A 84 5.62 27.12 0.60
N SER A 85 4.63 27.59 -0.14
CA SER A 85 3.22 27.19 0.02
C SER A 85 2.98 25.92 -0.79
N TYR A 86 2.08 25.07 -0.31
CA TYR A 86 1.59 23.95 -1.15
C TYR A 86 0.10 23.80 -0.88
N GLU A 87 -0.58 23.40 -1.92
CA GLU A 87 -2.01 23.05 -1.90
C GLU A 87 -2.10 21.58 -1.50
N GLY A 88 -3.18 21.21 -0.82
CA GLY A 88 -3.55 19.80 -0.58
C GLY A 88 -3.08 19.31 0.75
N SER A 89 -2.83 20.17 1.74
CA SER A 89 -2.59 19.68 3.12
C SER A 89 -3.83 18.93 3.60
N ASP A 90 -3.64 17.88 4.40
CA ASP A 90 -4.80 17.09 4.86
C ASP A 90 -5.34 17.65 6.18
N GLY A 91 -4.57 18.53 6.84
CA GLY A 91 -4.98 19.26 8.07
C GLY A 91 -5.25 18.30 9.21
N ASN A 92 -4.75 17.06 9.11
CA ASN A 92 -5.06 15.98 10.07
C ASN A 92 -6.57 15.87 10.26
N ASN A 93 -7.34 15.99 9.18
CA ASN A 93 -8.81 16.00 9.21
C ASN A 93 -9.42 14.64 8.90
N TYR A 94 -8.70 13.73 8.24
CA TYR A 94 -9.23 12.37 8.00
C TYR A 94 -9.11 11.55 9.27
N LEU A 95 -9.96 10.55 9.41
CA LEU A 95 -9.90 9.62 10.56
C LEU A 95 -9.20 8.33 10.10
N PHE A 96 -8.06 8.00 10.71
CA PHE A 96 -7.30 6.79 10.37
C PHE A 96 -7.97 5.55 10.94
N THR A 97 -8.40 5.58 12.20
CA THR A 97 -8.95 4.39 12.88
C THR A 97 -10.11 3.86 12.02
N ARG A 98 -10.09 2.57 11.77
CA ARG A 98 -11.14 1.96 10.93
C ARG A 98 -11.18 0.46 11.23
N GLY A 99 -12.26 -0.19 10.83
CA GLY A 99 -12.33 -1.63 10.99
C GLY A 99 -12.08 -2.30 9.67
N ARG A 100 -12.35 -3.59 9.58
CA ARG A 100 -12.08 -4.36 8.33
C ARG A 100 -13.02 -3.91 7.18
N ALA A 101 -14.15 -3.29 7.48
CA ALA A 101 -15.13 -2.84 6.49
C ALA A 101 -15.55 -1.38 6.72
N ALA A 102 -15.55 -0.89 7.96
CA ALA A 102 -16.13 0.43 8.30
C ALA A 102 -14.99 1.45 8.49
N TYR A 103 -15.18 2.61 7.90
CA TYR A 103 -14.24 3.75 8.01
C TYR A 103 -14.99 5.02 7.72
N MET A 104 -14.37 6.15 8.00
CA MET A 104 -14.97 7.45 7.64
C MET A 104 -14.45 7.85 6.27
N TYR A 105 -15.36 7.94 5.32
CA TYR A 105 -15.07 8.37 3.94
C TYR A 105 -14.75 9.86 3.96
N THR A 106 -15.51 10.61 4.75
CA THR A 106 -15.18 11.99 5.15
C THR A 106 -15.29 12.06 6.68
N HIS A 107 -14.70 13.09 7.25
CA HIS A 107 -14.60 13.21 8.72
C HIS A 107 -14.63 14.66 9.12
N THR A 108 -15.38 14.97 10.18
CA THR A 108 -15.39 16.28 10.84
C THR A 108 -14.77 16.08 12.22
N PRO A 109 -13.46 16.32 12.36
CA PRO A 109 -12.76 16.02 13.61
C PRO A 109 -13.26 16.86 14.80
N ASN A 110 -13.81 18.05 14.53
CA ASN A 110 -14.15 19.02 15.61
C ASN A 110 -15.60 18.80 16.09
N GLN A 111 -16.24 17.68 15.73
CA GLN A 111 -17.56 17.27 16.29
C GLN A 111 -17.38 15.94 17.03
N LEU A 112 -18.00 15.85 18.21
CA LEU A 112 -18.00 14.62 19.04
C LEU A 112 -18.66 13.46 18.28
N GLY A 113 -18.20 12.25 18.53
CA GLY A 113 -18.75 11.04 17.89
C GLY A 113 -18.06 10.81 16.57
N PHE A 114 -18.80 10.33 15.58
CA PHE A 114 -18.23 10.02 14.24
C PHE A 114 -19.08 10.79 13.24
N VAL A 115 -18.69 12.01 13.02
CA VAL A 115 -19.41 12.89 12.07
C VAL A 115 -18.66 12.90 10.75
N GLY A 116 -19.42 12.72 9.69
CA GLY A 116 -18.96 12.69 8.30
C GLY A 116 -19.61 11.55 7.56
N ASP A 117 -19.11 11.24 6.39
CA ASP A 117 -19.73 10.21 5.55
C ASP A 117 -19.16 8.86 5.99
N THR A 118 -19.91 8.08 6.75
CA THR A 118 -19.50 6.73 7.20
C THR A 118 -19.53 5.77 6.00
N ALA A 119 -18.47 5.01 5.80
CA ALA A 119 -18.42 3.90 4.82
C ALA A 119 -18.53 2.57 5.57
N TYR A 120 -19.40 1.71 5.07
CA TYR A 120 -19.36 0.25 5.25
C TYR A 120 -19.09 -0.32 3.86
N TRP A 121 -17.80 -0.57 3.57
CA TRP A 121 -17.22 -0.88 2.24
C TRP A 121 -17.20 0.38 1.40
N ASP A 122 -18.32 1.09 1.30
CA ASP A 122 -18.40 2.36 0.56
C ASP A 122 -19.33 3.30 1.31
N GLN A 123 -19.29 4.56 0.90
CA GLN A 123 -19.95 5.70 1.57
C GLN A 123 -21.45 5.39 1.68
N THR A 124 -22.02 5.70 2.84
CA THR A 124 -23.45 5.52 3.17
C THR A 124 -24.17 6.88 3.17
N SER A 125 -23.44 8.00 3.12
CA SER A 125 -23.99 9.37 3.28
C SER A 125 -24.58 9.58 4.68
N ARG A 126 -24.13 8.86 5.68
CA ARG A 126 -24.67 8.94 7.06
C ARG A 126 -23.50 9.14 8.00
N SER A 127 -23.63 10.05 8.98
CA SER A 127 -22.75 10.09 10.17
C SER A 127 -22.89 8.79 10.93
N GLY A 128 -21.86 8.42 11.68
CA GLY A 128 -21.95 7.25 12.57
C GLY A 128 -22.86 7.57 13.76
N PHE A 129 -22.47 8.59 14.49
CA PHE A 129 -23.33 9.16 15.55
C PHE A 129 -22.80 10.50 15.97
N THR A 130 -23.73 11.31 16.46
CA THR A 130 -23.51 12.67 16.95
C THR A 130 -23.79 12.67 18.45
N VAL A 131 -23.18 13.60 19.16
CA VAL A 131 -23.37 13.73 20.62
C VAL A 131 -23.75 15.19 20.89
N THR A 132 -24.86 15.39 21.61
CA THR A 132 -25.31 16.71 22.09
C THR A 132 -24.99 16.76 23.59
N VAL A 133 -24.43 17.85 24.05
CA VAL A 133 -24.06 18.04 25.48
C VAL A 133 -24.93 19.17 26.02
N ASN A 134 -25.80 18.87 26.95
CA ASN A 134 -26.72 19.88 27.51
C ASN A 134 -26.27 20.16 28.95
N ALA A 135 -25.90 21.42 29.26
CA ALA A 135 -25.52 21.88 30.60
C ALA A 135 -26.21 23.22 30.83
N ASP A 136 -26.62 23.47 32.07
CA ASP A 136 -27.26 24.75 32.46
C ASP A 136 -28.54 24.87 31.63
N GLY A 137 -29.14 23.76 31.22
CA GLY A 137 -30.38 23.78 30.42
C GLY A 137 -30.13 24.00 28.94
N SER A 138 -28.91 24.23 28.47
CA SER A 138 -28.62 24.63 27.06
C SER A 138 -27.74 23.59 26.36
N ASN A 139 -27.98 23.38 25.06
CA ASN A 139 -27.02 22.58 24.26
C ASN A 139 -25.77 23.43 24.08
N GLN A 140 -24.65 22.87 24.37
CA GLN A 140 -23.38 23.62 24.48
C GLN A 140 -22.63 23.49 23.16
N THR A 141 -21.92 24.55 22.78
CA THR A 141 -20.86 24.51 21.75
C THR A 141 -19.58 24.03 22.43
N LEU A 142 -19.09 22.86 22.03
CA LEU A 142 -17.82 22.29 22.51
C LEU A 142 -16.80 22.57 21.41
N ASN A 143 -15.90 23.52 21.64
CA ASN A 143 -14.88 23.91 20.65
C ASN A 143 -13.77 22.89 20.77
N GLU A 144 -13.32 22.34 19.65
CA GLU A 144 -12.10 21.49 19.71
C GLU A 144 -10.91 22.40 19.99
N ASP A 145 -10.09 22.08 20.96
CA ASP A 145 -8.72 22.63 21.01
C ASP A 145 -7.83 21.73 20.13
N ALA A 146 -7.67 22.12 18.88
CA ALA A 146 -7.06 21.29 17.82
C ALA A 146 -5.58 21.09 18.10
N SER A 147 -4.95 21.94 18.93
CA SER A 147 -3.55 21.75 19.38
C SER A 147 -3.49 20.47 20.23
N GLN A 148 -4.61 19.99 20.75
CA GLN A 148 -4.62 18.77 21.58
C GLN A 148 -5.03 17.59 20.71
N ARG A 149 -5.31 17.82 19.43
CA ARG A 149 -5.74 16.72 18.53
C ARG A 149 -4.58 15.74 18.39
N LYS A 150 -4.87 14.47 18.58
CA LYS A 150 -3.85 13.43 18.38
C LYS A 150 -4.55 12.22 17.77
N GLN A 151 -3.98 11.68 16.71
CA GLN A 151 -4.52 10.41 16.19
C GLN A 151 -3.36 9.52 15.72
N THR A 152 -3.70 8.24 15.72
CA THR A 152 -2.83 7.13 15.34
C THR A 152 -3.66 6.23 14.44
N PRO A 153 -3.05 5.23 13.81
CA PRO A 153 -3.84 4.22 13.12
C PRO A 153 -4.93 3.54 13.95
N SER A 154 -4.84 3.59 15.29
CA SER A 154 -5.69 2.78 16.18
C SER A 154 -6.71 3.65 16.94
N TYR A 155 -6.54 4.97 16.98
CA TYR A 155 -7.47 5.85 17.71
C TYR A 155 -7.25 7.31 17.34
N PHE A 156 -8.28 8.07 17.68
CA PHE A 156 -8.28 9.53 17.62
C PHE A 156 -8.62 10.06 19.01
N THR A 157 -7.94 11.12 19.42
CA THR A 157 -8.30 11.82 20.66
C THR A 157 -8.17 13.32 20.43
N SER A 158 -9.08 14.04 21.06
CA SER A 158 -8.98 15.50 21.10
C SER A 158 -9.67 16.00 22.37
N LEU A 159 -9.46 17.26 22.64
CA LEU A 159 -10.04 17.99 23.80
C LEU A 159 -11.05 18.98 23.25
N PHE A 160 -12.25 18.96 23.82
CA PHE A 160 -13.37 19.88 23.47
C PHE A 160 -13.72 20.66 24.73
N GLN A 161 -13.85 21.97 24.57
CA GLN A 161 -14.14 22.89 25.70
C GLN A 161 -15.21 23.87 25.27
N THR A 162 -16.08 24.26 26.20
CA THR A 162 -16.98 25.40 26.01
C THR A 162 -16.16 26.70 25.95
N GLY A 163 -16.72 27.76 25.37
CA GLY A 163 -16.05 29.07 25.27
C GLY A 163 -15.58 29.57 26.63
N GLY A 164 -16.36 29.35 27.68
CA GLY A 164 -15.95 29.89 29.00
C GLY A 164 -15.12 28.91 29.78
N LYS A 165 -14.88 27.73 29.21
CA LYS A 165 -14.03 26.66 29.79
C LYS A 165 -14.63 26.12 31.11
N SER A 166 -15.95 26.17 31.32
CA SER A 166 -16.57 25.56 32.52
C SER A 166 -16.76 24.06 32.30
N LEU A 167 -16.61 23.60 31.06
CA LEU A 167 -16.91 22.21 30.70
C LEU A 167 -15.93 21.76 29.62
N LYS A 168 -15.36 20.58 29.85
CA LYS A 168 -14.31 19.99 29.00
C LYS A 168 -14.69 18.54 28.78
N ILE A 169 -14.40 18.05 27.59
CA ILE A 169 -14.57 16.63 27.23
C ILE A 169 -13.31 16.18 26.51
N LYS A 170 -12.66 15.18 27.07
CA LYS A 170 -11.60 14.44 26.35
C LYS A 170 -12.32 13.30 25.62
N GLU A 171 -12.28 13.33 24.30
CA GLU A 171 -12.82 12.24 23.47
C GLU A 171 -11.67 11.30 23.11
N VAL A 172 -11.91 10.00 23.23
CA VAL A 172 -11.06 8.95 22.63
C VAL A 172 -11.97 8.05 21.83
N LYS A 173 -11.75 8.01 20.51
CA LYS A 173 -12.67 7.27 19.61
C LYS A 173 -11.84 6.34 18.71
N TYR A 174 -12.43 5.20 18.39
CA TYR A 174 -11.69 4.12 17.73
C TYR A 174 -12.75 3.26 17.11
N ILE A 175 -12.40 2.67 15.98
CA ILE A 175 -13.28 1.69 15.32
C ILE A 175 -12.59 0.35 15.50
N THR A 176 -13.33 -0.64 15.98
CA THR A 176 -12.72 -1.96 16.26
C THR A 176 -12.55 -2.71 14.94
N TYR A 177 -11.81 -3.80 15.03
CA TYR A 177 -11.51 -4.66 13.86
C TYR A 177 -12.80 -5.09 13.15
N ASN A 178 -13.85 -5.42 13.89
CA ASN A 178 -15.11 -5.92 13.30
C ASN A 178 -16.19 -4.81 13.40
N ASN A 179 -15.78 -3.57 13.27
CA ASN A 179 -16.64 -2.45 12.77
C ASN A 179 -17.55 -1.97 13.88
N VAL A 180 -17.07 -1.94 15.11
CA VAL A 180 -17.76 -1.24 16.22
C VAL A 180 -17.11 0.13 16.36
N MET A 181 -17.91 1.17 16.17
CA MET A 181 -17.51 2.58 16.27
C MET A 181 -17.73 3.03 17.71
N VAL A 182 -16.66 3.29 18.42
CA VAL A 182 -16.70 3.56 19.88
C VAL A 182 -16.17 4.96 20.16
N ALA A 183 -16.84 5.68 21.05
CA ALA A 183 -16.41 6.99 21.58
C ALA A 183 -16.39 6.89 23.11
N ASN A 184 -15.20 7.07 23.69
CA ASN A 184 -15.01 7.31 25.14
C ASN A 184 -15.06 8.83 25.34
N LEU A 185 -15.93 9.31 26.23
CA LEU A 185 -15.99 10.77 26.54
C LEU A 185 -15.74 10.94 28.03
N THR A 186 -14.65 11.59 28.40
CA THR A 186 -14.30 11.97 29.78
C THR A 186 -14.80 13.40 29.96
N VAL A 187 -15.85 13.57 30.76
CA VAL A 187 -16.55 14.86 30.93
C VAL A 187 -16.14 15.45 32.28
N GLU A 188 -15.76 16.72 32.29
CA GLU A 188 -15.39 17.45 33.53
C GLU A 188 -15.99 18.85 33.53
N SER A 189 -16.61 19.23 34.65
CA SER A 189 -17.25 20.55 34.89
C SER A 189 -16.50 21.24 36.02
N THR A 190 -16.26 22.55 35.93
CA THR A 190 -15.63 23.36 37.01
C THR A 190 -16.61 23.57 38.15
N GLN A 191 -17.90 23.33 37.94
CA GLN A 191 -18.97 23.52 38.94
C GLN A 191 -19.73 22.21 39.03
N ASP A 192 -20.35 21.94 40.17
CA ASP A 192 -21.35 20.86 40.28
C ASP A 192 -22.36 21.03 39.16
N ARG A 193 -22.69 19.98 38.42
CA ARG A 193 -23.63 20.15 37.30
C ARG A 193 -24.28 18.84 36.93
N ASP A 194 -25.54 18.91 36.51
CA ASP A 194 -26.22 17.83 35.80
C ASP A 194 -25.96 18.03 34.31
N VAL A 195 -25.20 17.16 33.68
CA VAL A 195 -24.93 17.34 32.23
C VAL A 195 -25.65 16.21 31.50
N THR A 196 -26.56 16.56 30.58
CA THR A 196 -27.31 15.56 29.79
C THR A 196 -26.58 15.36 28.47
N LEU A 197 -26.13 14.12 28.23
CA LEU A 197 -25.56 13.72 26.92
C LEU A 197 -26.66 12.98 26.16
N THR A 198 -26.81 13.30 24.89
CA THR A 198 -27.73 12.61 23.96
C THR A 198 -26.94 12.22 22.72
N THR A 199 -27.07 10.98 22.30
CA THR A 199 -26.39 10.48 21.09
C THR A 199 -27.45 9.84 20.18
N ALA A 200 -27.29 10.09 18.89
CA ALA A 200 -28.21 9.68 17.83
C ALA A 200 -27.36 9.12 16.69
N SER A 201 -27.81 8.01 16.13
CA SER A 201 -27.12 7.37 14.98
C SER A 201 -28.11 7.26 13.84
N PRO A 202 -27.78 7.78 12.65
CA PRO A 202 -28.55 7.50 11.44
C PRO A 202 -28.62 5.98 11.11
N PHE A 203 -27.77 5.16 11.70
CA PHE A 203 -27.67 3.70 11.48
C PHE A 203 -28.65 2.91 12.35
N ALA A 204 -29.08 3.45 13.50
CA ALA A 204 -29.85 2.68 14.51
C ALA A 204 -30.70 3.64 15.37
N ALA A 205 -32.00 3.68 15.10
CA ALA A 205 -32.92 4.64 15.74
C ALA A 205 -34.17 3.91 16.20
N GLU A 206 -34.19 2.58 16.16
CA GLU A 206 -35.41 1.79 16.46
C GLU A 206 -35.26 1.23 17.87
N GLY A 207 -36.28 1.43 18.71
CA GLY A 207 -36.24 0.95 20.10
C GLY A 207 -37.24 1.69 20.97
N ALA A 208 -37.77 1.02 21.98
CA ALA A 208 -38.80 1.58 22.88
C ALA A 208 -38.10 2.56 23.83
N ASP A 209 -38.71 3.71 24.11
CA ASP A 209 -38.33 4.56 25.26
C ASP A 209 -38.13 3.67 26.48
N GLY A 210 -36.99 3.81 27.17
CA GLY A 210 -36.68 3.06 28.39
C GLY A 210 -35.82 1.85 28.11
N ALA A 211 -35.77 1.38 26.85
CA ALA A 211 -34.79 0.38 26.36
C ALA A 211 -33.35 0.91 26.54
N THR A 212 -32.35 0.04 26.43
CA THR A 212 -30.91 0.39 26.63
C THR A 212 -30.15 0.14 25.32
N GLU A 213 -30.86 -0.09 24.23
CA GLU A 213 -30.24 -0.33 22.92
C GLU A 213 -31.16 0.16 21.82
N LEU A 214 -30.58 0.73 20.76
CA LEU A 214 -31.29 1.04 19.50
C LEU A 214 -30.73 0.15 18.40
N THR A 215 -31.55 -0.11 17.40
CA THR A 215 -31.18 -1.04 16.31
C THR A 215 -31.64 -0.48 14.97
N GLY A 216 -31.10 -1.05 13.90
CA GLY A 216 -31.49 -0.69 12.54
C GLY A 216 -31.16 -1.80 11.59
N ARG A 217 -31.44 -1.58 10.33
CA ARG A 217 -30.95 -2.47 9.28
C ARG A 217 -30.75 -1.58 8.07
N VAL A 218 -29.58 -1.69 7.46
CA VAL A 218 -29.10 -0.75 6.43
C VAL A 218 -28.57 -1.62 5.28
N ASN A 219 -29.10 -1.43 4.07
CA ASN A 219 -28.48 -2.06 2.88
C ASN A 219 -27.28 -1.19 2.54
N VAL A 220 -26.12 -1.78 2.32
CA VAL A 220 -24.92 -1.00 1.93
C VAL A 220 -25.04 -0.66 0.45
N LYS A 221 -24.11 0.15 -0.03
CA LYS A 221 -24.03 0.59 -1.44
C LYS A 221 -24.08 -0.66 -2.32
N ASN A 222 -24.88 -0.56 -3.40
CA ASN A 222 -25.06 -1.61 -4.44
C ASN A 222 -25.67 -2.88 -3.83
N ASN A 223 -26.32 -2.78 -2.66
CA ASN A 223 -26.96 -3.91 -1.95
C ASN A 223 -26.03 -5.12 -1.89
N LEU A 224 -24.75 -4.91 -1.58
CA LEU A 224 -23.77 -6.03 -1.54
C LEU A 224 -24.02 -6.84 -0.28
N THR A 225 -24.57 -6.19 0.74
CA THR A 225 -24.95 -6.87 2.00
C THR A 225 -25.89 -5.95 2.76
N THR A 226 -26.32 -6.44 3.90
CA THR A 226 -27.15 -5.70 4.86
C THR A 226 -26.42 -5.76 6.17
N ILE A 227 -26.35 -4.60 6.84
CA ILE A 227 -25.84 -4.51 8.22
C ILE A 227 -27.01 -4.26 9.17
N TYR A 228 -26.81 -4.64 10.43
CA TYR A 228 -27.86 -4.72 11.46
C TYR A 228 -27.37 -3.93 12.67
N PRO A 229 -27.25 -2.60 12.56
CA PRO A 229 -26.51 -1.86 13.58
C PRO A 229 -27.22 -1.91 14.93
N ARG A 230 -26.41 -1.96 15.96
CA ARG A 230 -26.85 -1.90 17.35
C ARG A 230 -26.08 -0.74 17.99
N PHE A 231 -26.78 0.00 18.84
CA PHE A 231 -26.29 1.28 19.39
C PHE A 231 -26.67 1.35 20.86
N SER A 232 -25.66 1.62 21.71
CA SER A 232 -25.79 1.60 23.18
C SER A 232 -24.64 2.40 23.75
N ALA A 233 -24.73 2.68 25.04
CA ALA A 233 -23.77 3.51 25.76
C ALA A 233 -23.85 3.17 27.23
N ASN A 234 -22.78 3.46 27.93
CA ASN A 234 -22.78 3.30 29.39
C ASN A 234 -22.05 4.45 30.08
N ASN A 235 -22.45 4.62 31.32
CA ASN A 235 -21.85 5.55 32.31
C ASN A 235 -20.67 4.84 32.97
N GLN A 236 -19.87 5.59 33.70
CA GLN A 236 -18.64 5.08 34.34
C GLN A 236 -18.99 3.97 35.34
N ASP A 237 -20.16 3.99 35.96
CA ASP A 237 -20.61 2.92 36.91
C ASP A 237 -21.22 1.72 36.16
N GLY A 238 -21.08 1.64 34.83
CA GLY A 238 -21.59 0.49 34.06
C GLY A 238 -23.08 0.58 33.76
N SER A 239 -23.83 1.53 34.29
CA SER A 239 -25.27 1.66 33.93
C SER A 239 -25.35 1.99 32.43
N ASN A 240 -26.38 1.50 31.75
CA ASN A 240 -26.58 1.82 30.31
C ASN A 240 -27.35 3.13 30.19
N TRP A 241 -27.12 3.83 29.08
CA TRP A 241 -27.93 4.98 28.66
C TRP A 241 -29.30 4.45 28.25
N ILE A 242 -30.33 5.28 28.36
CA ILE A 242 -31.70 4.80 28.08
C ILE A 242 -32.12 5.40 26.78
N VAL A 243 -32.99 4.69 26.08
CA VAL A 243 -33.57 5.18 24.81
C VAL A 243 -34.57 6.28 25.19
N SER A 244 -34.54 7.35 24.44
CA SER A 244 -35.56 8.42 24.46
C SER A 244 -35.71 8.93 23.02
N GLY A 245 -36.86 8.71 22.39
CA GLY A 245 -37.15 9.27 21.06
C GLY A 245 -36.11 8.84 20.02
N GLY A 246 -35.71 7.57 20.03
CA GLY A 246 -34.79 7.03 19.01
C GLY A 246 -33.39 7.57 19.18
N LYS A 247 -33.06 7.97 20.40
CA LYS A 247 -31.71 8.45 20.78
C LYS A 247 -31.36 7.77 22.09
N LEU A 248 -30.11 7.85 22.50
CA LEU A 248 -29.68 7.34 23.80
C LEU A 248 -29.37 8.56 24.64
N THR A 249 -29.72 8.52 25.91
CA THR A 249 -29.52 9.71 26.76
C THR A 249 -29.05 9.25 28.12
N SER A 250 -28.20 10.07 28.72
CA SER A 250 -27.73 9.94 30.10
C SER A 250 -27.51 11.33 30.69
N THR A 251 -27.86 11.52 31.95
CA THR A 251 -27.54 12.76 32.69
C THR A 251 -26.49 12.39 33.71
N LEU A 252 -25.32 13.00 33.61
CA LEU A 252 -24.24 12.84 34.59
C LEU A 252 -24.46 13.83 35.71
N SER A 253 -24.36 13.34 36.93
CA SER A 253 -24.33 14.16 38.16
C SER A 253 -22.86 14.46 38.43
N LEU A 254 -22.38 15.56 37.87
CA LEU A 254 -20.94 15.89 37.90
C LEU A 254 -20.66 16.69 39.16
N LYS A 255 -19.66 16.27 39.92
CA LYS A 255 -19.07 17.05 41.01
C LYS A 255 -18.01 17.95 40.40
N ALA A 256 -17.87 19.15 40.94
CA ALA A 256 -16.87 20.14 40.47
C ALA A 256 -15.50 19.46 40.41
N ASN A 257 -14.82 19.58 39.27
CA ASN A 257 -13.42 19.16 39.06
C ASN A 257 -13.27 17.64 39.20
N GLU A 258 -14.35 16.90 39.03
CA GLU A 258 -14.34 15.42 39.11
C GLU A 258 -14.84 14.83 37.79
N PRO A 259 -13.94 14.28 36.96
CA PRO A 259 -14.33 13.73 35.66
C PRO A 259 -15.16 12.45 35.79
N GLN A 260 -16.05 12.23 34.83
CA GLN A 260 -16.73 10.93 34.65
C GLN A 260 -16.60 10.54 33.18
N THR A 261 -16.38 9.27 32.91
CA THR A 261 -16.07 8.77 31.55
C THR A 261 -17.23 7.89 31.10
N VAL A 262 -17.80 8.21 29.95
CA VAL A 262 -18.89 7.41 29.38
C VAL A 262 -18.34 6.78 28.10
N LYS A 263 -19.07 5.84 27.56
CA LYS A 263 -18.68 5.10 26.35
C LYS A 263 -19.92 4.87 25.52
N ILE A 264 -19.83 5.26 24.25
CA ILE A 264 -20.90 5.06 23.24
C ILE A 264 -20.33 4.06 22.22
N GLN A 265 -21.13 3.08 21.83
CA GLN A 265 -20.73 2.09 20.79
C GLN A 265 -21.84 1.89 19.77
N LEU A 266 -21.46 1.95 18.49
CA LEU A 266 -22.36 1.62 17.35
C LEU A 266 -21.73 0.38 16.68
N GLY A 267 -22.32 -0.80 16.84
CA GLY A 267 -21.83 -2.01 16.18
C GLY A 267 -22.36 -2.05 14.77
N LEU A 268 -21.51 -1.86 13.75
CA LEU A 268 -22.01 -1.99 12.37
C LEU A 268 -21.97 -3.47 12.04
N ILE A 269 -23.02 -4.17 12.47
CA ILE A 269 -23.00 -5.65 12.58
C ILE A 269 -23.38 -6.28 11.23
N ALA A 270 -22.62 -7.28 10.83
CA ALA A 270 -22.88 -8.13 9.65
C ALA A 270 -22.95 -9.58 10.11
N ASN A 271 -23.92 -10.31 9.59
CA ASN A 271 -24.04 -11.76 9.83
C ASN A 271 -22.71 -12.46 9.47
N GLU A 272 -22.16 -12.10 8.31
CA GLU A 272 -20.93 -12.71 7.72
C GLU A 272 -19.69 -12.37 8.54
N LEU A 273 -19.82 -11.52 9.56
CA LEU A 273 -18.68 -11.13 10.41
C LEU A 273 -19.12 -11.32 11.85
N PRO A 274 -19.13 -12.56 12.37
CA PRO A 274 -19.68 -12.83 13.70
C PRO A 274 -18.99 -12.09 14.84
N ASP A 275 -17.73 -11.70 14.69
CA ASP A 275 -17.02 -10.93 15.73
C ASP A 275 -17.53 -9.49 15.79
N SER A 276 -18.30 -9.04 14.80
CA SER A 276 -18.92 -7.70 14.84
C SER A 276 -19.92 -7.71 16.01
N THR A 277 -20.76 -8.75 16.09
CA THR A 277 -21.67 -8.95 17.23
C THR A 277 -20.89 -9.10 18.54
N LYS A 278 -19.88 -9.94 18.57
CA LYS A 278 -19.09 -10.20 19.81
C LYS A 278 -18.41 -8.93 20.31
N GLU A 279 -17.74 -8.20 19.43
CA GLU A 279 -17.02 -6.96 19.84
C GLU A 279 -18.02 -5.93 20.39
N TYR A 280 -19.21 -5.82 19.77
CA TYR A 280 -20.29 -4.91 20.22
C TYR A 280 -20.83 -5.36 21.58
N GLU A 281 -21.18 -6.64 21.73
CA GLU A 281 -21.83 -7.13 22.97
C GLU A 281 -20.86 -7.03 24.14
N ALA A 282 -19.57 -7.23 23.93
CA ALA A 282 -18.53 -7.08 24.96
C ALA A 282 -18.55 -5.66 25.53
N ARG A 283 -18.88 -4.69 24.70
CA ARG A 283 -18.87 -3.25 25.04
C ARG A 283 -20.24 -2.80 25.57
N TYR A 284 -21.32 -3.44 25.12
CA TYR A 284 -22.71 -3.10 25.53
C TYR A 284 -22.95 -3.57 26.97
N THR A 285 -22.80 -4.86 27.24
CA THR A 285 -23.06 -5.45 28.58
C THR A 285 -21.94 -6.37 29.04
N GLY A 286 -20.88 -6.57 28.24
CA GLY A 286 -19.87 -7.58 28.57
C GLY A 286 -18.71 -6.99 29.32
N ASP A 287 -17.56 -7.66 29.26
CA ASP A 287 -16.39 -7.28 30.08
C ASP A 287 -15.63 -6.12 29.43
N LEU A 288 -16.07 -5.56 28.29
CA LEU A 288 -15.41 -4.34 27.74
C LEU A 288 -16.35 -3.13 27.88
N LYS A 289 -17.27 -3.12 28.85
CA LYS A 289 -18.17 -1.96 29.08
C LYS A 289 -17.36 -0.72 29.48
N ASP A 290 -16.32 -0.93 30.28
CA ASP A 290 -15.47 0.16 30.81
C ASP A 290 -14.67 0.79 29.65
N ALA A 291 -14.69 2.11 29.56
CA ALA A 291 -13.95 2.91 28.55
C ALA A 291 -12.52 2.42 28.41
N ALA A 292 -11.81 2.23 29.52
CA ALA A 292 -10.37 1.88 29.49
C ALA A 292 -10.20 0.47 28.91
N ALA A 293 -11.02 -0.50 29.31
CA ALA A 293 -10.87 -1.91 28.86
C ALA A 293 -11.19 -1.99 27.35
N SER A 294 -12.26 -1.31 26.94
CA SER A 294 -12.74 -1.22 25.54
C SER A 294 -11.61 -0.65 24.69
N TYR A 295 -10.98 0.45 25.14
CA TYR A 295 -9.86 1.09 24.44
C TYR A 295 -8.66 0.14 24.34
N LYS A 296 -8.26 -0.44 25.46
CA LYS A 296 -7.03 -1.27 25.51
C LYS A 296 -7.19 -2.48 24.61
N ASP A 297 -8.37 -3.09 24.55
CA ASP A 297 -8.68 -4.25 23.69
C ASP A 297 -8.55 -3.87 22.22
N SER A 298 -9.15 -2.74 21.80
CA SER A 298 -9.17 -2.35 20.38
C SER A 298 -7.75 -1.98 19.93
N VAL A 299 -7.07 -1.18 20.72
CA VAL A 299 -5.74 -0.64 20.32
C VAL A 299 -4.69 -1.77 20.32
N THR A 300 -4.79 -2.67 21.28
CA THR A 300 -3.90 -3.83 21.38
C THR A 300 -4.15 -4.71 20.16
N THR A 301 -5.40 -5.05 19.89
CA THR A 301 -5.76 -5.88 18.73
C THR A 301 -5.23 -5.21 17.44
N TYR A 302 -5.44 -3.91 17.29
CA TYR A 302 -5.00 -3.16 16.08
C TYR A 302 -3.49 -3.40 15.86
N ASN A 303 -2.70 -3.24 16.92
CA ASN A 303 -1.23 -3.28 16.87
C ASN A 303 -0.70 -4.73 16.72
N LYS A 304 -1.45 -5.70 17.23
CA LYS A 304 -1.08 -7.14 17.08
C LYS A 304 -1.02 -7.48 15.60
N TRP A 305 -1.82 -6.83 14.77
CA TRP A 305 -1.86 -7.11 13.31
C TRP A 305 -0.49 -6.86 12.68
N TRP A 306 0.19 -5.79 13.08
CA TRP A 306 1.53 -5.48 12.53
C TRP A 306 2.49 -6.63 12.85
N VAL A 307 2.53 -7.06 14.12
CA VAL A 307 3.41 -8.18 14.56
C VAL A 307 3.15 -9.37 13.62
N ASP A 308 1.89 -9.71 13.45
CA ASP A 308 1.44 -10.89 12.71
C ASP A 308 1.63 -10.73 11.21
N ASN A 309 1.63 -9.52 10.66
CA ASN A 309 1.59 -9.36 9.19
C ASN A 309 2.77 -8.59 8.62
N ALA A 310 3.28 -7.55 9.28
CA ALA A 310 4.14 -6.59 8.57
C ALA A 310 5.58 -7.01 8.72
N PRO A 311 6.36 -7.03 7.63
CA PRO A 311 7.80 -7.09 7.73
C PRO A 311 8.27 -5.83 8.47
N TYR A 312 9.46 -5.92 9.06
CA TYR A 312 10.11 -4.78 9.73
C TYR A 312 11.34 -4.39 8.92
N VAL A 313 11.40 -3.15 8.49
CA VAL A 313 12.46 -2.65 7.58
C VAL A 313 13.25 -1.60 8.32
N ASP A 314 14.57 -1.74 8.29
CA ASP A 314 15.44 -0.74 8.96
C ASP A 314 16.56 -0.40 8.00
N THR A 315 16.69 0.88 7.68
CA THR A 315 17.85 1.39 6.91
C THR A 315 18.54 2.47 7.72
N PRO A 316 19.69 2.98 7.21
CA PRO A 316 20.34 4.12 7.84
C PRO A 316 19.56 5.43 7.69
N GLU A 317 18.50 5.45 6.88
CA GLU A 317 17.75 6.71 6.60
C GLU A 317 16.35 6.57 7.20
N ASP A 318 16.15 7.14 8.37
CA ASP A 318 14.92 6.89 9.15
C ASP A 318 13.75 7.58 8.47
N ASN A 319 14.00 8.58 7.61
CA ASN A 319 12.94 9.21 6.78
C ASN A 319 12.36 8.18 5.81
N ILE A 320 13.20 7.32 5.24
CA ILE A 320 12.71 6.26 4.33
C ILE A 320 11.99 5.24 5.19
N ASP A 321 12.59 4.86 6.31
CA ASP A 321 11.99 3.84 7.20
C ASP A 321 10.59 4.29 7.59
N LYS A 322 10.40 5.54 7.97
CA LYS A 322 9.04 5.99 8.37
C LYS A 322 8.08 5.91 7.16
N THR A 323 8.51 6.29 5.97
CA THR A 323 7.63 6.11 4.80
C THR A 323 7.32 4.63 4.60
N VAL A 324 8.24 3.72 4.91
CA VAL A 324 7.97 2.26 4.76
C VAL A 324 6.88 1.83 5.76
N VAL A 325 6.97 2.26 7.02
CA VAL A 325 5.91 2.00 8.03
C VAL A 325 4.58 2.60 7.53
N TYR A 326 4.63 3.84 7.04
CA TYR A 326 3.42 4.54 6.53
C TYR A 326 2.81 3.75 5.38
N ARG A 327 3.63 3.19 4.49
CA ARG A 327 3.16 2.41 3.30
C ARG A 327 2.61 1.05 3.73
N TRP A 328 3.13 0.42 4.78
CA TRP A 328 2.46 -0.81 5.29
C TRP A 328 1.04 -0.44 5.74
N TRP A 329 0.91 0.71 6.40
CA TRP A 329 -0.38 1.25 6.84
C TRP A 329 -1.23 1.59 5.60
N LEU A 330 -0.71 2.25 4.58
CA LEU A 330 -1.50 2.49 3.34
C LEU A 330 -2.05 1.18 2.80
N SER A 331 -1.22 0.13 2.73
CA SER A 331 -1.65 -1.17 2.17
C SER A 331 -2.75 -1.78 3.06
N ARG A 332 -2.69 -1.56 4.36
CA ARG A 332 -3.67 -2.12 5.30
C ARG A 332 -4.95 -1.28 5.25
N PHE A 333 -4.82 0.04 5.29
CA PHE A 333 -5.94 1.01 5.33
C PHE A 333 -6.75 1.01 4.01
N ASN A 334 -6.06 0.85 2.88
CA ASN A 334 -6.72 0.85 1.55
C ASN A 334 -7.07 -0.58 1.16
N MET A 335 -7.75 -1.27 2.05
CA MET A 335 -8.11 -2.67 1.86
C MET A 335 -9.52 -2.82 2.34
N LEU A 336 -10.20 -3.78 1.77
CA LEU A 336 -11.55 -4.19 2.27
C LEU A 336 -11.52 -5.68 2.63
N ASP A 337 -12.00 -6.01 3.82
CA ASP A 337 -12.06 -7.40 4.32
C ASP A 337 -13.42 -7.59 4.98
N ALA A 338 -14.46 -7.58 4.15
CA ALA A 338 -15.87 -7.56 4.55
C ALA A 338 -16.50 -8.95 4.54
N ASN A 339 -15.87 -9.96 3.91
CA ASN A 339 -16.39 -11.36 3.87
C ASN A 339 -17.85 -11.41 3.40
N MET A 340 -18.20 -10.64 2.39
CA MET A 340 -19.61 -10.55 1.93
C MET A 340 -19.96 -11.79 1.12
N PRO A 341 -21.12 -12.41 1.35
CA PRO A 341 -21.46 -13.68 0.71
C PRO A 341 -21.97 -13.38 -0.69
N GLY A 342 -21.80 -14.30 -1.63
CA GLY A 342 -22.02 -14.04 -3.06
C GLY A 342 -20.90 -13.22 -3.66
N ASN A 343 -21.22 -12.01 -4.12
CA ASN A 343 -20.33 -10.99 -4.75
C ASN A 343 -18.84 -11.13 -4.43
N THR A 344 -18.00 -10.34 -5.11
CA THR A 344 -16.53 -10.54 -5.00
C THR A 344 -15.98 -10.13 -3.63
N PHE A 345 -16.58 -9.16 -2.93
CA PHE A 345 -15.98 -8.70 -1.65
C PHE A 345 -16.13 -9.80 -0.61
N GLN A 346 -16.32 -11.04 -1.07
CA GLN A 346 -16.10 -12.24 -0.24
C GLN A 346 -14.62 -12.36 0.11
N TYR A 347 -13.70 -11.67 -0.55
CA TYR A 347 -12.24 -11.80 -0.30
C TYR A 347 -11.65 -10.50 0.25
N PRO A 348 -10.61 -10.60 1.09
CA PRO A 348 -9.78 -9.47 1.40
C PRO A 348 -9.19 -8.94 0.10
N THR A 349 -9.36 -7.65 -0.15
CA THR A 349 -8.93 -7.06 -1.43
C THR A 349 -8.32 -5.70 -1.19
N SER A 350 -7.22 -5.43 -1.87
CA SER A 350 -6.67 -4.08 -2.00
C SER A 350 -7.64 -3.19 -2.78
N ILE A 351 -7.73 -1.95 -2.36
CA ILE A 351 -8.63 -0.93 -2.96
C ILE A 351 -7.75 0.22 -3.44
N GLU A 352 -8.08 0.77 -4.60
CA GLU A 352 -7.45 2.01 -5.07
C GLU A 352 -8.14 3.23 -4.42
N GLY A 353 -7.77 3.51 -3.17
CA GLY A 353 -8.11 4.73 -2.46
C GLY A 353 -9.48 4.63 -1.84
N VAL A 354 -9.56 4.13 -0.59
CA VAL A 354 -10.83 4.03 0.17
C VAL A 354 -11.40 5.43 0.43
N LEU A 355 -10.55 6.47 0.41
CA LEU A 355 -11.00 7.85 0.60
C LEU A 355 -11.15 8.55 -0.75
N GLY A 356 -11.02 7.81 -1.86
CA GLY A 356 -11.15 8.39 -3.20
C GLY A 356 -12.25 7.70 -3.99
N TYR A 357 -11.90 7.09 -5.11
CA TYR A 357 -12.85 6.35 -6.00
C TYR A 357 -13.21 5.04 -5.31
N ASN A 358 -12.36 4.53 -4.42
CA ASN A 358 -12.75 3.35 -3.60
C ASN A 358 -13.22 2.22 -4.52
N ASN A 359 -12.41 1.83 -5.50
CA ASN A 359 -12.77 0.64 -6.31
C ASN A 359 -11.55 -0.25 -6.52
N GLN A 360 -11.84 -1.44 -7.02
CA GLN A 360 -10.85 -2.43 -7.48
C GLN A 360 -10.55 -2.13 -8.93
N ILE A 361 -9.35 -1.62 -9.17
CA ILE A 361 -8.85 -1.26 -10.51
C ILE A 361 -7.75 -2.26 -10.89
N VAL A 362 -7.94 -3.01 -11.98
CA VAL A 362 -7.03 -4.16 -12.30
C VAL A 362 -5.61 -3.66 -12.49
N LEU A 363 -5.40 -2.50 -13.13
CA LEU A 363 -4.05 -1.92 -13.30
C LEU A 363 -3.36 -1.84 -11.94
N THR A 364 -4.02 -1.28 -10.95
CA THR A 364 -3.34 -0.99 -9.67
C THR A 364 -3.37 -2.24 -8.78
N SER A 365 -4.33 -3.16 -8.96
CA SER A 365 -4.45 -4.35 -8.08
C SER A 365 -3.15 -5.14 -8.17
N GLY A 366 -2.66 -5.33 -9.39
CA GLY A 366 -1.40 -6.04 -9.58
C GLY A 366 -0.24 -5.26 -9.00
N MET A 367 -0.28 -3.95 -9.11
CA MET A 367 0.77 -3.10 -8.49
C MET A 367 0.76 -3.23 -6.95
N PHE A 368 -0.39 -3.15 -6.32
CA PHE A 368 -0.49 -3.25 -4.85
C PHE A 368 0.06 -4.60 -4.40
N MET A 369 -0.20 -5.70 -5.13
CA MET A 369 0.17 -7.05 -4.65
C MET A 369 1.70 -7.17 -4.60
N MET A 370 2.43 -6.27 -5.27
CA MET A 370 3.91 -6.28 -5.16
C MET A 370 4.34 -6.04 -3.71
N ASP A 371 3.59 -5.22 -2.94
CA ASP A 371 3.80 -5.06 -1.49
C ASP A 371 2.97 -6.04 -0.67
N THR A 372 1.70 -6.24 -0.97
CA THR A 372 0.86 -7.06 -0.08
C THR A 372 1.34 -8.52 -0.06
N LYS A 373 2.08 -8.97 -1.08
CA LYS A 373 2.61 -10.34 -1.07
C LYS A 373 3.60 -10.48 0.10
N TRP A 374 4.18 -9.37 0.55
CA TRP A 374 5.14 -9.37 1.66
C TRP A 374 4.43 -9.34 3.01
N PHE A 375 3.11 -9.12 3.07
CA PHE A 375 2.39 -9.36 4.34
C PHE A 375 2.53 -10.84 4.64
N ARG A 376 2.68 -11.16 5.93
CA ARG A 376 3.09 -12.52 6.33
C ARG A 376 1.96 -13.50 6.03
N ASN A 377 0.72 -13.05 6.09
CA ASN A 377 -0.46 -13.92 5.82
C ASN A 377 -0.85 -13.79 4.36
N PRO A 378 -0.97 -14.90 3.60
CA PRO A 378 -1.25 -14.83 2.16
C PRO A 378 -2.64 -14.31 1.79
N GLU A 379 -3.60 -14.30 2.72
CA GLU A 379 -4.97 -13.84 2.34
C GLU A 379 -4.90 -12.38 1.85
N TYR A 380 -3.90 -11.61 2.24
CA TYR A 380 -3.83 -10.14 1.97
C TYR A 380 -3.27 -9.84 0.59
N SER A 381 -2.88 -10.87 -0.16
CA SER A 381 -2.48 -10.81 -1.57
C SER A 381 -3.32 -11.80 -2.38
N TYR A 382 -3.57 -13.01 -1.86
CA TYR A 382 -4.35 -14.02 -2.63
C TYR A 382 -5.76 -13.51 -2.90
N GLY A 383 -6.34 -12.83 -1.91
CA GLY A 383 -7.71 -12.33 -2.01
C GLY A 383 -7.81 -11.36 -3.16
N THR A 384 -6.76 -10.57 -3.39
CA THR A 384 -6.78 -9.60 -4.47
C THR A 384 -6.81 -10.33 -5.82
N TRP A 385 -5.97 -11.32 -6.05
CA TRP A 385 -6.00 -11.98 -7.38
C TRP A 385 -7.24 -12.87 -7.49
N LEU A 386 -7.72 -13.47 -6.40
CA LEU A 386 -8.99 -14.27 -6.49
C LEU A 386 -10.15 -13.34 -6.85
N SER A 387 -10.20 -12.17 -6.26
CA SER A 387 -11.22 -11.16 -6.55
C SER A 387 -11.16 -10.76 -8.04
N ALA A 388 -9.97 -10.61 -8.61
CA ALA A 388 -9.85 -10.26 -10.05
C ALA A 388 -10.38 -11.44 -10.87
N GLY A 389 -10.06 -12.68 -10.50
CA GLY A 389 -10.50 -13.87 -11.21
C GLY A 389 -12.02 -14.01 -11.13
N ASP A 390 -12.59 -13.76 -9.95
CA ASP A 390 -14.05 -13.85 -9.70
C ASP A 390 -14.81 -12.78 -10.47
N THR A 391 -14.23 -11.58 -10.73
CA THR A 391 -14.96 -10.47 -11.36
C THR A 391 -14.62 -10.39 -12.85
N ALA A 392 -13.88 -11.35 -13.40
CA ALA A 392 -13.40 -11.27 -14.78
C ALA A 392 -14.60 -11.19 -15.72
N LYS A 393 -14.47 -10.51 -16.83
CA LYS A 393 -15.57 -10.24 -17.78
C LYS A 393 -15.57 -11.35 -18.83
N LYS A 394 -16.72 -11.92 -19.10
CA LYS A 394 -16.82 -12.95 -20.14
C LYS A 394 -16.71 -12.28 -21.51
N SER A 395 -15.81 -12.75 -22.37
CA SER A 395 -15.57 -12.17 -23.70
C SER A 395 -16.50 -12.83 -24.72
N LYS A 396 -16.70 -12.18 -25.85
CA LYS A 396 -17.49 -12.74 -26.98
C LYS A 396 -16.87 -14.06 -27.44
N ALA A 397 -15.55 -14.21 -27.34
CA ALA A 397 -14.82 -15.43 -27.76
C ALA A 397 -14.96 -16.56 -26.72
N GLY A 398 -15.54 -16.30 -25.54
CA GLY A 398 -15.80 -17.32 -24.48
C GLY A 398 -14.72 -17.38 -23.42
N TYR A 399 -13.79 -16.41 -23.37
CA TYR A 399 -12.76 -16.32 -22.31
C TYR A 399 -13.23 -15.33 -21.25
N TYR A 400 -12.51 -15.24 -20.14
CA TYR A 400 -12.81 -14.33 -19.02
C TYR A 400 -11.54 -13.52 -18.79
N TYR A 401 -11.64 -12.20 -18.92
CA TYR A 401 -10.44 -11.35 -18.76
C TYR A 401 -10.70 -10.40 -17.60
N TYR A 402 -9.63 -10.11 -16.91
CA TYR A 402 -9.68 -9.23 -15.72
C TYR A 402 -10.26 -7.87 -16.14
N HIS A 403 -11.08 -7.29 -15.29
CA HIS A 403 -11.83 -6.06 -15.61
C HIS A 403 -12.08 -5.31 -14.30
N ASP A 404 -11.94 -3.98 -14.33
CA ASP A 404 -12.22 -3.08 -13.19
C ASP A 404 -13.57 -3.46 -12.60
N ASN A 405 -13.66 -3.38 -11.28
CA ASN A 405 -14.94 -3.56 -10.58
C ASN A 405 -15.26 -2.22 -9.90
N PRO A 406 -15.81 -1.21 -10.64
CA PRO A 406 -15.88 0.17 -10.13
C PRO A 406 -16.93 0.32 -9.03
N SER A 415 -8.73 0.86 -16.33
CA SER A 415 -7.41 0.20 -16.50
C SER A 415 -7.17 -0.11 -17.97
N TYR A 416 -6.09 0.41 -18.53
CA TYR A 416 -5.70 0.06 -19.92
C TYR A 416 -5.01 -1.31 -19.95
N THR A 417 -4.62 -1.86 -18.79
CA THR A 417 -3.74 -3.05 -18.70
C THR A 417 -3.61 -3.52 -17.26
N GLN A 418 -2.91 -4.65 -17.10
CA GLN A 418 -2.74 -5.24 -15.76
C GLN A 418 -1.71 -6.36 -15.88
N TYR A 419 -1.09 -6.69 -14.74
CA TYR A 419 -0.22 -7.88 -14.66
C TYR A 419 -0.63 -8.71 -13.45
N ILE A 420 -1.94 -8.88 -13.28
CA ILE A 420 -2.51 -9.51 -12.06
C ILE A 420 -2.00 -10.94 -11.92
N THR A 421 -1.86 -11.63 -13.03
CA THR A 421 -1.47 -13.06 -12.98
C THR A 421 0.00 -13.14 -12.56
N ARG A 422 0.84 -12.28 -13.13
CA ARG A 422 2.26 -12.26 -12.71
C ARG A 422 2.33 -11.89 -11.22
N ALA A 423 1.63 -10.84 -10.78
CA ALA A 423 1.65 -10.42 -9.36
C ALA A 423 1.12 -11.55 -8.49
N GLY A 424 0.09 -12.24 -8.94
CA GLY A 424 -0.45 -13.41 -8.21
C GLY A 424 0.61 -14.49 -8.12
N TRP A 425 1.31 -14.72 -9.22
CA TRP A 425 2.40 -15.72 -9.26
C TRP A 425 3.54 -15.29 -8.33
N ASP A 426 3.89 -14.01 -8.29
CA ASP A 426 4.87 -13.48 -7.32
C ASP A 426 4.37 -13.76 -5.90
N SER A 427 3.07 -13.57 -5.64
CA SER A 427 2.51 -13.81 -4.30
C SER A 427 2.69 -15.30 -3.98
N TYR A 428 2.46 -16.17 -4.95
CA TYR A 428 2.54 -17.65 -4.76
C TYR A 428 3.99 -18.06 -4.57
N LYS A 429 4.92 -17.34 -5.21
CA LYS A 429 6.35 -17.63 -4.99
C LYS A 429 6.79 -17.25 -3.58
N VAL A 430 6.07 -16.34 -2.91
CA VAL A 430 6.30 -15.98 -1.50
C VAL A 430 5.61 -16.99 -0.61
N HIS A 431 4.33 -17.24 -0.81
CA HIS A 431 3.54 -17.97 0.23
C HIS A 431 3.31 -19.41 -0.15
N GLY A 432 3.21 -19.70 -1.44
CA GLY A 432 2.96 -21.06 -1.92
C GLY A 432 1.54 -21.49 -1.75
N GLY A 433 1.35 -22.80 -1.80
CA GLY A 433 0.05 -23.42 -1.69
C GLY A 433 0.03 -24.69 -2.55
N PRO A 434 -1.04 -25.48 -2.40
CA PRO A 434 -1.11 -26.75 -3.11
C PRO A 434 -1.42 -26.49 -4.58
N SER A 435 -1.48 -27.58 -5.29
CA SER A 435 -1.75 -27.61 -6.75
C SER A 435 -3.07 -26.89 -7.08
N THR A 436 -4.11 -27.01 -6.26
CA THR A 436 -5.42 -26.37 -6.57
C THR A 436 -5.27 -24.83 -6.57
N VAL A 437 -4.44 -24.26 -5.70
CA VAL A 437 -4.17 -22.80 -5.65
C VAL A 437 -3.41 -22.39 -6.91
N ALA A 438 -2.29 -23.04 -7.19
CA ALA A 438 -1.46 -22.81 -8.39
C ALA A 438 -2.36 -22.96 -9.64
N GLU A 439 -3.18 -24.01 -9.71
CA GLU A 439 -4.04 -24.26 -10.89
C GLU A 439 -5.11 -23.14 -11.04
N GLU A 440 -5.69 -22.67 -9.94
CA GLU A 440 -6.72 -21.61 -9.98
C GLU A 440 -6.09 -20.35 -10.54
N LEU A 441 -4.91 -19.99 -10.07
CA LEU A 441 -4.20 -18.80 -10.56
C LEU A 441 -3.88 -18.98 -12.05
N ALA A 442 -3.40 -20.16 -12.43
CA ALA A 442 -3.03 -20.44 -13.84
C ALA A 442 -4.27 -20.29 -14.71
N ASP A 443 -5.39 -20.89 -14.28
CA ASP A 443 -6.65 -20.94 -15.07
C ASP A 443 -7.21 -19.52 -15.27
N GLN A 444 -7.34 -18.72 -14.21
CA GLN A 444 -7.79 -17.32 -14.37
C GLN A 444 -6.76 -16.57 -15.23
N GLY A 445 -5.47 -16.88 -15.06
CA GLY A 445 -4.38 -16.28 -15.87
C GLY A 445 -4.53 -16.61 -17.33
N ALA A 446 -4.72 -17.89 -17.65
CA ALA A 446 -4.81 -18.39 -19.04
C ALA A 446 -6.07 -17.80 -19.68
N GLU A 447 -7.15 -17.75 -18.91
CA GLU A 447 -8.44 -17.19 -19.39
C GLU A 447 -8.19 -15.74 -19.80
N ASP A 448 -7.50 -15.01 -18.95
CA ASP A 448 -7.27 -13.55 -19.18
C ASP A 448 -6.36 -13.39 -20.40
N VAL A 449 -5.25 -14.11 -20.48
CA VAL A 449 -4.30 -13.97 -21.61
C VAL A 449 -5.04 -14.30 -22.92
N GLN A 450 -5.75 -15.42 -22.95
CA GLN A 450 -6.49 -15.86 -24.15
C GLN A 450 -7.57 -14.82 -24.46
N GLY A 451 -8.30 -14.33 -23.44
CA GLY A 451 -9.33 -13.31 -23.66
C GLY A 451 -8.76 -12.09 -24.35
N LEU A 452 -7.61 -11.59 -23.87
CA LEU A 452 -6.95 -10.41 -24.47
C LEU A 452 -6.49 -10.75 -25.89
N LEU A 453 -5.91 -11.93 -26.11
CA LEU A 453 -5.41 -12.29 -27.45
C LEU A 453 -6.59 -12.27 -28.44
N ALA A 454 -7.76 -12.74 -28.01
CA ALA A 454 -8.97 -12.90 -28.84
C ALA A 454 -9.87 -11.64 -28.73
N SER A 455 -9.42 -10.57 -28.09
CA SER A 455 -10.31 -9.46 -27.70
C SER A 455 -10.72 -8.60 -28.92
N LYS A 456 -10.21 -8.88 -30.13
CA LYS A 456 -10.80 -8.27 -31.35
C LYS A 456 -12.32 -8.53 -31.37
N SER A 457 -12.82 -9.53 -30.65
CA SER A 457 -14.27 -9.84 -30.70
C SER A 457 -15.01 -9.05 -29.62
N GLU A 458 -14.31 -8.20 -28.84
CA GLU A 458 -14.98 -7.41 -27.80
C GLU A 458 -15.72 -6.22 -28.42
N PRO A 459 -17.02 -6.05 -28.13
CA PRO A 459 -17.79 -4.97 -28.76
C PRO A 459 -17.41 -3.59 -28.22
N ASP A 460 -16.94 -3.49 -26.98
CA ASP A 460 -16.47 -2.17 -26.48
C ASP A 460 -15.05 -2.04 -27.03
N ASN A 461 -14.79 -0.98 -27.78
CA ASN A 461 -13.50 -0.78 -28.46
C ASN A 461 -12.37 -0.76 -27.41
N ASN A 462 -12.63 -0.23 -26.21
CA ASN A 462 -11.60 -0.13 -25.13
C ASN A 462 -11.30 -1.52 -24.57
N ASP A 463 -12.21 -2.49 -24.70
CA ASP A 463 -11.94 -3.90 -24.28
C ASP A 463 -11.22 -4.64 -25.41
N ASN A 464 -11.24 -4.10 -26.62
CA ASN A 464 -10.51 -4.63 -27.80
C ASN A 464 -9.04 -4.22 -27.67
N GLN A 465 -8.19 -5.17 -27.32
CA GLN A 465 -6.76 -4.91 -27.06
C GLN A 465 -5.95 -5.65 -28.11
N ASN A 466 -6.55 -6.09 -29.19
CA ASN A 466 -5.79 -6.83 -30.22
C ASN A 466 -6.46 -6.72 -31.59
N ASN A 467 -6.60 -5.50 -32.11
CA ASN A 467 -7.41 -5.27 -33.32
C ASN A 467 -6.66 -5.72 -34.59
N ASN A 468 -5.35 -5.98 -34.56
CA ASN A 468 -4.67 -6.60 -35.73
C ASN A 468 -4.52 -8.12 -35.51
N ASP A 469 -5.08 -8.66 -34.44
CA ASP A 469 -5.13 -10.12 -34.16
C ASP A 469 -3.75 -10.78 -34.24
N ASN A 470 -2.70 -10.15 -33.71
CA ASN A 470 -1.35 -10.79 -33.64
C ASN A 470 -1.12 -11.18 -32.18
N SER A 471 0.11 -11.25 -31.72
CA SER A 471 0.39 -11.66 -30.32
C SER A 471 0.88 -10.45 -29.52
N LEU A 472 0.55 -9.25 -29.96
CA LEU A 472 0.91 -8.01 -29.26
C LEU A 472 -0.39 -7.32 -28.86
N ILE A 473 -0.44 -6.81 -27.65
CA ILE A 473 -1.52 -5.89 -27.23
C ILE A 473 -1.42 -4.58 -28.01
N ASP A 474 -2.56 -4.10 -28.50
CA ASP A 474 -2.67 -2.76 -29.11
C ASP A 474 -3.81 -2.00 -28.43
N TRP A 475 -3.61 -0.69 -28.31
CA TRP A 475 -4.54 0.31 -27.75
C TRP A 475 -4.54 1.54 -28.63
N SER A 476 -5.63 2.28 -28.54
CA SER A 476 -5.75 3.70 -28.93
C SER A 476 -5.66 4.48 -27.64
N TRP A 477 -5.50 5.81 -27.71
CA TRP A 477 -5.41 6.62 -26.48
C TRP A 477 -6.73 6.65 -25.73
N TRP A 478 -7.84 6.15 -26.30
CA TRP A 478 -9.16 6.14 -25.60
C TRP A 478 -9.18 5.09 -24.47
N SER A 479 -8.33 4.05 -24.51
CA SER A 479 -8.22 3.06 -23.39
C SER A 479 -7.54 3.71 -22.17
N MET A 480 -7.01 4.94 -22.29
CA MET A 480 -6.39 5.74 -21.19
C MET A 480 -7.18 7.04 -21.00
N ALA A 485 -2.46 8.78 -17.90
CA ALA A 485 -1.34 7.82 -18.05
C ALA A 485 -0.05 8.49 -18.59
N ASP A 486 -0.11 9.75 -19.06
CA ASP A 486 1.11 10.51 -19.47
C ASP A 486 1.81 9.77 -20.64
N ALA A 487 1.05 9.10 -21.48
CA ALA A 487 1.62 8.26 -22.56
C ALA A 487 1.88 9.17 -23.76
N VAL A 488 3.00 9.89 -23.73
CA VAL A 488 3.34 10.90 -24.78
C VAL A 488 3.46 10.20 -26.15
N SER A 489 3.64 8.89 -26.18
CA SER A 489 3.70 8.13 -27.44
C SER A 489 2.42 8.39 -28.26
N PHE A 490 1.27 8.51 -27.60
CA PHE A 490 -0.03 8.73 -28.27
C PHE A 490 -0.20 10.15 -28.81
N SER A 491 0.69 11.07 -28.43
CA SER A 491 0.63 12.51 -28.80
C SER A 491 1.37 12.77 -30.12
N GLU A 492 1.89 11.75 -30.76
CA GLU A 492 2.66 11.91 -32.01
C GLU A 492 1.79 12.61 -33.04
N PRO A 493 2.25 13.71 -33.67
CA PRO A 493 1.41 14.43 -34.65
C PRO A 493 0.95 13.49 -35.77
N GLY A 494 -0.29 13.65 -36.21
CA GLY A 494 -0.82 12.84 -37.31
C GLY A 494 -1.37 11.51 -36.85
N ARG A 495 -1.30 11.17 -35.55
CA ARG A 495 -1.66 9.80 -35.10
C ARG A 495 -2.87 9.79 -34.16
N SER A 496 -3.64 10.87 -34.07
CA SER A 496 -4.77 10.98 -33.13
C SER A 496 -5.74 9.82 -33.33
N GLY A 497 -5.97 9.04 -32.29
CA GLY A 497 -6.93 7.93 -32.22
C GLY A 497 -6.40 6.67 -32.85
N GLN A 498 -5.17 6.67 -33.38
CA GLN A 498 -4.62 5.48 -34.03
C GLN A 498 -4.26 4.45 -32.95
N ARG A 499 -4.33 3.17 -33.33
CA ARG A 499 -3.85 2.06 -32.48
C ARG A 499 -2.38 1.81 -32.75
N MET A 500 -1.68 1.40 -31.70
CA MET A 500 -0.32 0.86 -31.78
C MET A 500 -0.21 -0.41 -30.93
N ASP A 501 0.51 -1.39 -31.44
CA ASP A 501 1.04 -2.54 -30.68
C ASP A 501 1.97 -1.98 -29.61
N ARG A 502 1.70 -2.32 -28.37
CA ARG A 502 2.27 -1.67 -27.19
C ARG A 502 3.33 -2.55 -26.55
N ALA A 503 4.46 -1.95 -26.22
CA ALA A 503 5.52 -2.63 -25.45
C ALA A 503 5.02 -2.96 -24.04
N ASP A 504 4.28 -2.05 -23.43
CA ASP A 504 3.78 -2.19 -22.03
C ASP A 504 2.69 -3.26 -21.98
N GLY A 505 1.64 -3.13 -22.80
CA GLY A 505 0.52 -4.07 -22.79
C GLY A 505 1.08 -5.44 -23.13
N SER A 506 2.01 -5.50 -24.06
CA SER A 506 2.52 -6.80 -24.55
C SER A 506 3.41 -7.41 -23.47
N ALA A 507 4.24 -6.60 -22.78
CA ALA A 507 5.08 -7.06 -21.65
C ALA A 507 4.18 -7.65 -20.56
N ASN A 508 3.11 -6.97 -20.25
CA ASN A 508 2.18 -7.36 -19.15
C ASN A 508 1.44 -8.64 -19.55
N MET A 509 1.05 -8.77 -20.81
CA MET A 509 0.37 -9.98 -21.25
C MET A 509 1.40 -11.11 -21.24
N TRP A 510 2.60 -10.86 -21.75
CA TRP A 510 3.69 -11.86 -21.72
C TRP A 510 3.89 -12.25 -20.24
N ALA A 511 3.95 -11.29 -19.35
CA ALA A 511 4.26 -11.56 -17.93
C ALA A 511 3.16 -12.46 -17.37
N ASN A 512 1.91 -12.14 -17.63
CA ASN A 512 0.75 -12.99 -17.25
C ASN A 512 0.91 -14.41 -17.86
N ALA A 513 1.18 -14.52 -19.16
CA ALA A 513 1.25 -15.83 -19.85
C ALA A 513 2.39 -16.65 -19.28
N ASN A 514 3.55 -16.02 -19.13
CA ASN A 514 4.75 -16.67 -18.55
C ASN A 514 4.43 -17.13 -17.11
N ALA A 515 3.71 -16.31 -16.37
CA ALA A 515 3.38 -16.60 -14.97
C ALA A 515 2.38 -17.76 -14.95
N ALA A 516 1.40 -17.74 -15.85
CA ALA A 516 0.39 -18.83 -15.92
C ALA A 516 1.10 -20.14 -16.27
N ALA A 517 2.11 -20.07 -17.15
CA ALA A 517 2.86 -21.28 -17.58
C ALA A 517 3.56 -21.86 -16.36
N GLN A 518 4.19 -20.97 -15.59
CA GLN A 518 4.90 -21.32 -14.34
C GLN A 518 3.90 -21.92 -13.34
N ALA A 519 2.71 -21.34 -13.20
CA ALA A 519 1.72 -21.79 -12.20
C ALA A 519 1.14 -23.14 -12.61
N TYR A 520 0.83 -23.35 -13.89
CA TYR A 520 0.42 -24.66 -14.42
C TYR A 520 1.50 -25.68 -14.07
N LYS A 521 2.75 -25.32 -14.31
CA LYS A 521 3.85 -26.26 -14.05
C LYS A 521 3.90 -26.58 -12.55
N ALA A 522 3.76 -25.56 -11.70
CA ALA A 522 3.90 -25.74 -10.24
C ALA A 522 2.76 -26.64 -9.80
N ALA A 523 1.60 -26.57 -10.45
CA ALA A 523 0.42 -27.39 -10.11
C ALA A 523 0.62 -28.84 -10.55
N GLY A 524 1.46 -29.08 -11.56
CA GLY A 524 1.62 -30.40 -12.20
C GLY A 524 0.91 -30.49 -13.53
N ASP A 525 0.23 -29.43 -13.98
CA ASP A 525 -0.55 -29.41 -15.25
C ASP A 525 0.40 -29.12 -16.42
N THR A 526 1.18 -30.13 -16.79
CA THR A 526 2.22 -30.08 -17.88
C THR A 526 1.57 -29.60 -19.19
N ALA A 527 0.42 -30.14 -19.55
CA ALA A 527 -0.21 -29.84 -20.86
C ALA A 527 -0.55 -28.35 -20.93
N ASN A 528 -1.21 -27.82 -19.90
CA ASN A 528 -1.52 -26.37 -19.88
C ASN A 528 -0.24 -25.53 -19.71
N ALA A 529 0.74 -26.01 -18.98
CA ALA A 529 2.02 -25.28 -18.83
C ALA A 529 2.64 -25.10 -20.22
N GLU A 530 2.62 -26.15 -21.03
CA GLU A 530 3.25 -26.11 -22.38
C GLU A 530 2.43 -25.22 -23.32
N LYS A 531 1.12 -25.28 -23.25
CA LYS A 531 0.25 -24.42 -24.09
C LYS A 531 0.50 -22.96 -23.73
N MET A 532 0.58 -22.62 -22.44
CA MET A 532 0.81 -21.22 -22.06
C MET A 532 2.25 -20.84 -22.42
N GLN A 533 3.19 -21.78 -22.30
CA GLN A 533 4.60 -21.49 -22.66
C GLN A 533 4.69 -21.14 -24.14
N ALA A 534 3.97 -21.88 -24.97
CA ALA A 534 3.89 -21.62 -26.42
C ALA A 534 3.33 -20.20 -26.63
N ILE A 535 2.28 -19.82 -25.91
CA ILE A 535 1.69 -18.46 -26.06
C ILE A 535 2.72 -17.43 -25.61
N ALA A 536 3.33 -17.62 -24.43
CA ALA A 536 4.39 -16.71 -23.95
C ALA A 536 5.51 -16.59 -25.00
N ASP A 537 5.98 -17.70 -25.54
CA ASP A 537 7.10 -17.73 -26.51
C ASP A 537 6.73 -16.89 -27.74
N LYS A 538 5.48 -17.01 -28.23
CA LYS A 538 5.01 -16.25 -29.42
C LYS A 538 5.02 -14.74 -29.12
N ILE A 539 4.45 -14.32 -28.00
CA ILE A 539 4.39 -12.88 -27.63
C ILE A 539 5.84 -12.41 -27.52
N GLN A 540 6.69 -13.15 -26.82
CA GLN A 540 8.11 -12.73 -26.67
C GLN A 540 8.75 -12.57 -28.04
N LYS A 541 8.57 -13.53 -28.92
CA LYS A 541 9.15 -13.49 -30.28
C LYS A 541 8.61 -12.25 -30.99
N GLU A 542 7.30 -11.98 -30.92
CA GLU A 542 6.74 -10.79 -31.61
C GLU A 542 7.25 -9.48 -30.98
N VAL A 543 7.40 -9.41 -29.66
CA VAL A 543 7.92 -8.16 -29.03
C VAL A 543 9.35 -7.92 -29.56
N THR A 544 10.21 -8.93 -29.49
CA THR A 544 11.64 -8.76 -29.85
C THR A 544 11.77 -8.53 -31.36
N THR A 545 10.94 -9.14 -32.18
CA THR A 545 11.02 -8.99 -33.67
C THR A 545 10.32 -7.69 -34.12
N GLU A 546 9.15 -7.34 -33.58
CA GLU A 546 8.33 -6.25 -34.14
C GLU A 546 8.52 -4.95 -33.37
N LEU A 547 8.81 -5.00 -32.06
CA LEU A 547 8.90 -3.76 -31.24
C LEU A 547 10.35 -3.34 -31.02
N TRP A 548 11.30 -4.12 -31.51
CA TRP A 548 12.75 -3.75 -31.38
C TRP A 548 13.13 -2.88 -32.58
N ASP A 549 13.40 -1.61 -32.36
CA ASP A 549 13.87 -0.69 -33.43
C ASP A 549 15.39 -0.83 -33.52
N LYS A 550 15.85 -1.70 -34.43
CA LYS A 550 17.31 -1.92 -34.73
C LYS A 550 17.96 -0.62 -35.19
N SER A 551 17.20 0.30 -35.79
CA SER A 551 17.72 1.61 -36.25
C SER A 551 18.32 2.39 -35.08
N ASP A 552 17.67 2.46 -33.91
CA ASP A 552 18.23 3.27 -32.80
C ASP A 552 18.36 2.44 -31.53
N ASN A 553 18.30 1.12 -31.62
CA ASN A 553 18.50 0.27 -30.43
C ASN A 553 17.59 0.80 -29.31
N LEU A 554 16.30 0.94 -29.62
CA LEU A 554 15.24 1.21 -28.62
C LEU A 554 14.06 0.28 -28.84
N LEU A 555 13.43 -0.12 -27.76
CA LEU A 555 12.16 -0.83 -27.79
C LEU A 555 11.08 0.25 -27.92
N LYS A 556 10.27 0.14 -28.97
CA LYS A 556 9.26 1.14 -29.34
C LYS A 556 7.95 0.45 -29.69
N HIS A 557 6.87 1.13 -29.38
CA HIS A 557 5.51 0.77 -29.81
C HIS A 557 5.50 0.90 -31.33
N LYS A 558 4.57 0.22 -31.97
CA LYS A 558 4.49 0.19 -33.43
C LYS A 558 3.05 0.46 -33.87
N TRP A 559 2.88 1.50 -34.65
CA TRP A 559 1.58 1.93 -35.21
C TRP A 559 1.03 0.83 -36.12
N LEU A 560 -0.25 0.50 -35.95
CA LEU A 560 -0.91 -0.60 -36.69
C LEU A 560 -1.04 -0.20 -38.17
N ASN A 561 -1.24 1.09 -38.45
CA ASN A 561 -1.68 1.50 -39.82
C ASN A 561 -0.55 1.31 -40.84
N ASP A 562 0.66 1.72 -40.49
CA ASP A 562 1.80 1.73 -41.45
C ASP A 562 2.96 0.87 -40.95
N GLY A 563 2.94 0.43 -39.69
CA GLY A 563 4.02 -0.38 -39.11
C GLY A 563 5.17 0.51 -38.67
N ALA A 564 4.97 1.82 -38.62
CA ALA A 564 6.01 2.78 -38.18
C ALA A 564 6.15 2.69 -36.66
N PHE A 565 7.38 2.79 -36.18
CA PHE A 565 7.67 2.89 -34.73
C PHE A 565 7.08 4.20 -34.23
N ALA A 566 6.50 4.16 -33.04
CA ALA A 566 6.11 5.36 -32.29
C ALA A 566 7.39 6.09 -31.92
N LYS A 567 7.47 7.37 -32.30
CA LYS A 567 8.70 8.18 -32.20
C LYS A 567 8.86 8.67 -30.77
N TYR A 568 7.78 8.76 -29.99
CA TYR A 568 7.81 9.36 -28.63
C TYR A 568 7.64 8.24 -27.60
N LYS A 569 8.25 8.45 -26.45
CA LYS A 569 8.62 7.32 -25.57
C LYS A 569 8.22 7.63 -24.14
N GLU A 570 8.07 6.58 -23.38
CA GLU A 570 7.79 6.67 -21.94
C GLU A 570 8.48 5.49 -21.25
N ILE A 571 8.43 5.46 -19.91
CA ILE A 571 9.06 4.34 -19.21
C ILE A 571 8.34 3.06 -19.63
N ASN A 572 7.08 3.19 -20.02
CA ASN A 572 6.24 2.05 -20.51
C ASN A 572 6.93 1.30 -21.65
N ASN A 573 7.77 1.97 -22.44
CA ASN A 573 8.55 1.34 -23.52
C ASN A 573 9.40 0.22 -22.95
N TYR A 574 9.76 0.32 -21.67
CA TYR A 574 10.76 -0.59 -21.04
C TYR A 574 10.11 -1.68 -20.22
N TYR A 575 8.79 -1.83 -20.22
CA TYR A 575 8.18 -2.89 -19.39
C TYR A 575 8.68 -4.26 -19.83
N PRO A 576 9.04 -4.51 -21.12
CA PRO A 576 9.63 -5.80 -21.49
C PRO A 576 10.92 -6.07 -20.72
N TYR A 577 11.63 -5.05 -20.25
CA TYR A 577 12.79 -5.25 -19.37
C TYR A 577 12.30 -5.51 -17.93
N SER A 578 11.47 -4.61 -17.40
CA SER A 578 10.84 -4.73 -16.06
C SER A 578 10.33 -6.13 -15.83
N GLU A 579 9.65 -6.69 -16.81
CA GLU A 579 9.03 -8.03 -16.70
C GLU A 579 9.97 -9.17 -17.08
N GLY A 580 11.17 -8.89 -17.56
CA GLY A 580 12.10 -9.97 -17.94
C GLY A 580 11.72 -10.69 -19.21
N LEU A 581 10.87 -10.09 -20.04
CA LEU A 581 10.59 -10.63 -21.40
C LEU A 581 11.88 -10.59 -22.20
N MET A 582 12.63 -9.50 -22.11
CA MET A 582 13.79 -9.34 -23.00
C MET A 582 14.88 -10.34 -22.63
N PRO A 583 15.42 -11.08 -23.60
CA PRO A 583 16.62 -11.89 -23.35
C PRO A 583 17.73 -11.03 -22.72
N THR A 584 18.46 -11.61 -21.79
CA THR A 584 19.67 -10.98 -21.21
C THR A 584 20.87 -11.27 -22.10
N GLY A 585 21.96 -10.55 -21.86
CA GLY A 585 23.25 -10.73 -22.53
C GLY A 585 23.14 -10.33 -23.99
N ASN A 586 22.14 -9.53 -24.37
CA ASN A 586 22.03 -8.97 -25.72
C ASN A 586 22.57 -7.55 -25.68
N GLU A 587 23.70 -7.35 -26.35
CA GLU A 587 24.37 -6.03 -26.35
C GLU A 587 23.43 -4.92 -26.80
N ASP A 588 22.76 -5.17 -27.91
CA ASP A 588 21.83 -4.19 -28.51
C ASP A 588 20.68 -3.93 -27.54
N TYR A 589 20.00 -4.96 -27.04
CA TYR A 589 18.85 -4.75 -26.12
C TYR A 589 19.31 -3.90 -24.92
N ASN A 590 20.51 -4.16 -24.41
CA ASN A 590 21.02 -3.48 -23.18
C ASN A 590 21.30 -2.00 -23.48
N LYS A 591 21.51 -1.63 -24.74
CA LYS A 591 21.78 -0.21 -25.06
C LYS A 591 20.50 0.62 -24.91
N ALA A 592 19.31 0.04 -25.01
CA ALA A 592 18.04 0.81 -24.91
C ALA A 592 17.97 1.58 -23.60
N LEU A 593 18.60 1.09 -22.52
CA LEU A 593 18.49 1.70 -21.18
C LEU A 593 19.37 2.96 -21.03
N ARG A 594 20.18 3.29 -22.04
CA ARG A 594 21.03 4.52 -22.01
C ARG A 594 20.19 5.77 -21.74
N LEU A 595 18.94 5.82 -22.15
CA LEU A 595 18.13 7.06 -21.95
C LEU A 595 18.00 7.40 -20.46
N PHE A 596 18.03 6.41 -19.56
CA PHE A 596 17.90 6.62 -18.08
C PHE A 596 19.09 7.35 -17.47
N GLU A 597 20.16 7.54 -18.25
CA GLU A 597 21.34 8.35 -17.86
C GLU A 597 20.95 9.80 -17.61
N ASP A 598 20.03 10.33 -18.41
CA ASP A 598 19.78 11.78 -18.55
C ASP A 598 18.48 12.21 -17.86
N SER A 599 18.56 13.20 -16.99
CA SER A 599 17.36 13.81 -16.35
C SER A 599 16.48 14.44 -17.43
N ASN A 600 17.04 14.85 -18.58
CA ASN A 600 16.29 15.43 -19.73
C ASN A 600 15.36 14.39 -20.34
N GLU A 601 15.73 13.11 -20.22
CA GLU A 601 14.99 11.99 -20.82
C GLU A 601 14.01 11.52 -19.74
N PHE A 602 14.53 10.89 -18.70
CA PHE A 602 13.71 10.29 -17.62
C PHE A 602 14.29 10.73 -16.31
N PRO A 603 13.74 11.80 -15.72
CA PRO A 603 14.23 12.32 -14.45
C PRO A 603 13.90 11.40 -13.28
N ILE A 604 14.73 11.48 -12.23
CA ILE A 604 14.53 10.80 -10.93
C ILE A 604 13.41 11.54 -10.22
N PHE A 605 13.44 12.86 -10.29
CA PHE A 605 12.47 13.73 -9.58
C PHE A 605 12.24 15.02 -10.37
N PRO A 606 10.98 15.36 -10.65
CA PRO A 606 9.86 14.44 -10.41
C PRO A 606 9.99 13.15 -11.24
N PHE A 607 9.40 12.09 -10.72
CA PHE A 607 9.53 10.75 -11.34
C PHE A 607 8.38 10.56 -12.32
N PHE A 608 8.55 11.08 -13.53
CA PHE A 608 7.54 11.02 -14.61
C PHE A 608 7.65 9.71 -15.39
N THR A 609 6.55 9.36 -16.03
CA THR A 609 6.42 8.26 -17.01
C THR A 609 6.86 8.74 -18.39
N ALA A 610 6.43 9.93 -18.81
CA ALA A 610 6.72 10.44 -20.16
C ALA A 610 8.21 10.80 -20.24
N ASN A 611 8.84 10.43 -21.34
CA ASN A 611 10.16 10.99 -21.70
C ASN A 611 10.00 12.51 -21.81
N GLN A 612 10.76 13.27 -21.04
CA GLN A 612 10.51 14.74 -20.90
C GLN A 612 11.05 15.52 -22.11
N ALA A 613 12.12 15.05 -22.74
CA ALA A 613 12.64 15.59 -24.02
C ALA A 613 11.56 15.43 -25.10
N ASP A 614 10.92 14.27 -25.16
CA ASP A 614 9.80 13.99 -26.11
C ASP A 614 8.63 14.93 -25.81
N LYS A 615 8.28 15.10 -24.55
CA LYS A 615 7.12 15.91 -24.12
C LYS A 615 7.40 17.34 -24.56
N ALA A 616 8.65 17.79 -24.40
CA ALA A 616 9.12 19.15 -24.78
C ALA A 616 9.06 19.29 -26.30
N ALA A 617 9.54 18.30 -27.05
CA ALA A 617 9.52 18.30 -28.53
C ALA A 617 8.08 18.51 -29.03
N LEU A 618 7.06 18.11 -28.28
CA LEU A 618 5.64 18.21 -28.72
C LEU A 618 4.95 19.39 -28.06
N ASN A 619 5.71 20.29 -27.41
CA ASN A 619 5.15 21.49 -26.73
C ASN A 619 4.20 21.02 -25.61
N PHE A 620 4.61 19.99 -24.86
CA PHE A 620 4.07 19.64 -23.52
C PHE A 620 2.60 19.24 -23.58
N PRO A 621 2.24 18.20 -24.37
CA PRO A 621 0.90 17.64 -24.29
C PRO A 621 0.73 16.93 -22.94
N GLY A 622 -0.52 16.64 -22.56
CA GLY A 622 -0.88 15.86 -21.38
C GLY A 622 -0.68 16.67 -20.12
N SER A 623 -0.57 15.95 -19.01
CA SER A 623 -0.47 16.55 -17.66
C SER A 623 1.01 16.77 -17.32
N ASN A 624 1.24 17.42 -16.20
CA ASN A 624 2.57 17.55 -15.57
C ASN A 624 2.53 16.83 -14.21
N ASN A 625 1.69 15.81 -14.09
CA ASN A 625 1.42 15.11 -12.81
C ASN A 625 2.43 13.98 -12.66
N PHE A 626 2.73 13.63 -11.42
CA PHE A 626 3.57 12.47 -11.10
C PHE A 626 3.02 11.87 -9.82
N SER A 627 3.35 10.62 -9.60
CA SER A 627 2.61 9.80 -8.63
C SER A 627 3.48 8.60 -8.28
N ILE A 628 3.14 7.96 -7.18
CA ILE A 628 3.63 6.61 -6.88
C ILE A 628 3.30 5.67 -8.05
N ILE A 629 2.26 5.92 -8.84
CA ILE A 629 1.99 5.01 -10.00
C ILE A 629 3.11 5.15 -11.04
N ASN A 630 3.86 6.24 -11.04
CA ASN A 630 5.01 6.40 -11.96
C ASN A 630 6.26 5.88 -11.28
N ALA A 631 6.36 6.09 -9.96
CA ALA A 631 7.58 5.72 -9.22
C ALA A 631 7.71 4.19 -9.26
N GLN A 632 6.62 3.43 -9.04
CA GLN A 632 6.73 1.95 -8.94
C GLN A 632 7.32 1.37 -10.23
N PRO A 633 6.76 1.61 -11.44
CA PRO A 633 7.34 1.07 -12.66
C PRO A 633 8.74 1.65 -12.96
N LEU A 634 9.01 2.89 -12.60
CA LEU A 634 10.38 3.45 -12.76
C LEU A 634 11.35 2.63 -11.92
N LEU A 635 10.96 2.33 -10.68
CA LEU A 635 11.79 1.48 -9.79
C LEU A 635 11.90 0.08 -10.37
N GLN A 636 10.84 -0.46 -10.98
CA GLN A 636 10.90 -1.79 -11.58
C GLN A 636 11.90 -1.78 -12.74
N VAL A 637 11.86 -0.75 -13.58
CA VAL A 637 12.83 -0.64 -14.70
C VAL A 637 14.24 -0.52 -14.13
N TYR A 638 14.44 0.29 -13.11
CA TYR A 638 15.77 0.51 -12.49
C TYR A 638 16.30 -0.83 -11.96
N SER A 639 15.43 -1.58 -11.29
CA SER A 639 15.76 -2.87 -10.63
C SER A 639 16.16 -3.90 -11.70
N ALA A 640 15.28 -4.17 -12.65
CA ALA A 640 15.57 -5.12 -13.75
C ALA A 640 16.81 -4.64 -14.54
N GLY A 641 16.85 -3.33 -14.81
CA GLY A 641 17.94 -2.71 -15.58
C GLY A 641 19.27 -3.02 -14.93
N ILE A 642 19.36 -2.75 -13.63
CA ILE A 642 20.62 -2.94 -12.86
C ILE A 642 20.88 -4.44 -12.74
N ARG A 643 19.89 -5.23 -12.35
CA ARG A 643 20.14 -6.62 -11.98
C ARG A 643 20.32 -7.52 -13.19
N ASN A 644 19.68 -7.27 -14.32
CA ASN A 644 19.62 -8.25 -15.43
C ASN A 644 20.18 -7.70 -16.73
N TYR A 645 20.19 -6.38 -16.96
CA TYR A 645 20.45 -5.78 -18.29
C TYR A 645 21.61 -4.80 -18.22
N ASP A 646 22.46 -4.95 -17.21
CA ASP A 646 23.82 -4.34 -17.15
C ASP A 646 23.73 -2.83 -16.99
N ALA A 647 22.61 -2.29 -16.48
CA ALA A 647 22.41 -0.82 -16.54
C ALA A 647 23.48 -0.13 -15.68
N ALA A 648 23.86 -0.69 -14.54
CA ALA A 648 24.87 -0.03 -13.67
C ALA A 648 26.24 -0.22 -14.30
N LYS A 649 26.49 -1.36 -14.92
CA LYS A 649 27.82 -1.62 -15.56
C LYS A 649 28.02 -0.63 -16.68
N ASN A 650 26.96 -0.28 -17.39
CA ASN A 650 27.02 0.67 -18.53
C ASN A 650 27.03 2.12 -18.03
N GLY A 651 26.74 2.40 -16.76
CA GLY A 651 26.58 3.76 -16.23
C GLY A 651 25.24 4.41 -16.62
N TYR A 652 24.28 3.63 -17.12
CA TYR A 652 22.95 4.14 -17.53
C TYR A 652 22.06 4.37 -16.29
N ILE A 653 22.05 3.41 -15.38
CA ILE A 653 21.31 3.46 -14.10
C ILE A 653 22.27 2.92 -13.05
N THR A 654 22.86 3.81 -12.28
CA THR A 654 23.91 3.44 -11.30
C THR A 654 23.23 3.11 -9.96
N ASN A 655 23.96 2.43 -9.08
CA ASN A 655 23.49 2.19 -7.68
C ASN A 655 23.15 3.52 -7.02
N GLU A 656 23.97 4.56 -7.22
CA GLU A 656 23.75 5.90 -6.63
C GLU A 656 22.40 6.47 -7.14
N GLN A 657 22.12 6.35 -8.43
CA GLN A 657 20.85 6.81 -9.03
C GLN A 657 19.66 6.07 -8.40
N PHE A 658 19.78 4.77 -8.18
CA PHE A 658 18.73 3.94 -7.55
C PHE A 658 18.46 4.50 -6.15
N LYS A 659 19.55 4.71 -5.42
CA LYS A 659 19.48 5.29 -4.07
C LYS A 659 18.76 6.63 -4.13
N LYS A 660 19.17 7.51 -5.04
CA LYS A 660 18.56 8.86 -5.13
C LYS A 660 17.05 8.74 -5.35
N LEU A 661 16.61 7.85 -6.22
CA LEU A 661 15.16 7.62 -6.48
C LEU A 661 14.47 7.13 -5.20
N LEU A 662 15.05 6.19 -4.42
CA LEU A 662 14.42 5.78 -3.12
C LEU A 662 14.22 7.03 -2.25
N TYR A 663 15.23 7.89 -2.14
CA TYR A 663 15.16 9.10 -1.28
C TYR A 663 14.06 10.03 -1.77
N TRP A 664 14.00 10.33 -3.07
CA TRP A 664 12.95 11.19 -3.67
C TRP A 664 11.57 10.59 -3.47
N VAL A 665 11.47 9.28 -3.61
CA VAL A 665 10.14 8.61 -3.43
C VAL A 665 9.70 8.83 -1.99
N ALA A 666 10.57 8.60 -1.01
CA ALA A 666 10.22 8.80 0.41
C ALA A 666 9.84 10.27 0.61
N PHE A 667 10.68 11.17 0.13
CA PHE A 667 10.44 12.63 0.31
C PHE A 667 9.03 13.04 -0.15
N ALA A 668 8.62 12.57 -1.33
CA ALA A 668 7.31 12.89 -1.94
C ALA A 668 6.17 12.59 -0.96
N HIS A 669 6.30 11.60 -0.09
CA HIS A 669 5.22 11.20 0.83
C HIS A 669 4.91 12.33 1.83
N TYR A 670 5.88 13.19 2.11
CA TYR A 670 5.78 14.10 3.25
C TYR A 670 5.22 15.43 2.77
N GLN A 671 4.09 15.80 3.36
CA GLN A 671 3.50 17.14 3.15
C GLN A 671 4.54 18.20 3.53
N GLY A 672 4.87 19.10 2.62
CA GLY A 672 5.85 20.16 2.89
C GLY A 672 7.23 19.63 3.19
N GLY A 673 7.55 18.40 2.78
CA GLY A 673 8.82 17.71 3.04
C GLY A 673 9.01 17.37 4.51
N ASP A 674 7.93 17.44 5.31
CA ASP A 674 8.00 17.34 6.79
C ASP A 674 7.63 15.91 7.22
N ASN A 675 8.55 15.20 7.86
CA ASN A 675 8.35 13.76 8.16
C ASN A 675 7.24 13.54 9.18
N ASN A 676 6.69 14.60 9.78
CA ASN A 676 5.54 14.48 10.69
C ASN A 676 4.28 14.16 9.91
N TYR A 677 4.24 14.45 8.61
CA TYR A 677 2.99 14.58 7.84
C TYR A 677 2.98 13.74 6.57
N PRO A 678 3.20 12.41 6.66
CA PRO A 678 3.11 11.59 5.47
C PRO A 678 1.68 11.57 4.94
N ASP A 679 1.54 11.67 3.63
CA ASP A 679 0.21 11.58 2.98
C ASP A 679 0.42 11.22 1.52
N GLN A 680 0.15 9.96 1.14
CA GLN A 680 0.24 9.67 -0.30
C GLN A 680 -1.05 10.15 -0.97
N ASN A 681 -0.93 11.29 -1.61
CA ASN A 681 -1.99 11.78 -2.53
C ASN A 681 -2.02 10.88 -3.76
N GLU A 682 -3.18 10.86 -4.41
CA GLU A 682 -3.30 10.16 -5.69
C GLU A 682 -2.20 10.68 -6.62
N PHE A 683 -1.96 11.98 -6.64
CA PHE A 683 -0.85 12.52 -7.45
C PHE A 683 -0.41 13.87 -6.93
N TRP A 684 0.71 14.28 -7.51
CA TRP A 684 1.44 15.52 -7.20
C TRP A 684 1.68 16.27 -8.51
N ASN A 685 1.89 17.56 -8.42
CA ASN A 685 2.53 18.30 -9.54
C ASN A 685 3.19 19.53 -8.97
N GLU A 686 3.94 20.20 -9.82
CA GLU A 686 4.58 21.50 -9.53
C GLU A 686 3.93 22.62 -10.36
N ASP A 687 2.67 22.45 -10.79
CA ASP A 687 2.05 23.36 -11.80
C ASP A 687 1.88 24.76 -11.19
N ASN A 688 1.72 24.83 -9.88
CA ASN A 688 1.44 26.08 -9.15
C ASN A 688 2.74 26.54 -8.49
N ASN A 689 3.87 26.01 -8.95
CA ASN A 689 5.22 26.40 -8.46
C ASN A 689 5.58 27.71 -9.18
N ASN A 690 5.37 28.83 -8.52
CA ASN A 690 5.56 30.22 -9.00
C ASN A 690 7.06 30.53 -9.18
N VAL A 691 7.65 30.28 -10.36
CA VAL A 691 9.11 30.43 -10.65
C VAL A 691 9.31 31.21 -11.96
N GLY A 692 10.55 31.59 -12.26
CA GLY A 692 10.96 32.26 -13.51
C GLY A 692 11.70 31.29 -14.41
N ASP A 693 12.49 31.82 -15.35
CA ASP A 693 13.19 31.00 -16.36
C ASP A 693 14.36 30.30 -15.66
N VAL A 694 14.06 29.25 -14.92
CA VAL A 694 15.04 28.55 -14.06
C VAL A 694 16.06 27.82 -14.93
N ASN A 695 15.72 27.41 -16.17
CA ASN A 695 16.67 26.62 -17.00
C ASN A 695 17.35 27.54 -18.04
N GLY A 696 16.92 28.81 -18.12
CA GLY A 696 17.55 29.86 -18.94
C GLY A 696 17.38 29.60 -20.43
N ASP A 697 16.16 29.22 -20.86
CA ASP A 697 15.86 28.88 -22.27
C ASP A 697 14.93 29.95 -22.85
N GLY A 698 14.58 30.96 -22.08
CA GLY A 698 13.86 32.15 -22.58
C GLY A 698 12.43 32.19 -22.11
N VAL A 699 11.89 31.05 -21.67
CA VAL A 699 10.43 30.86 -21.42
C VAL A 699 10.23 30.27 -20.00
N ILE A 700 9.11 30.61 -19.39
CA ILE A 700 8.59 30.02 -18.12
C ILE A 700 7.54 28.95 -18.46
N ASN A 701 7.94 27.67 -18.48
CA ASN A 701 7.03 26.52 -18.71
C ASN A 701 7.22 25.47 -17.60
N ASN A 702 6.76 24.25 -17.83
CA ASN A 702 6.75 23.20 -16.79
C ASN A 702 8.20 22.78 -16.47
N LEU A 703 9.11 22.81 -17.45
CA LEU A 703 10.53 22.44 -17.23
C LEU A 703 11.08 23.26 -16.06
N ASP A 704 10.73 24.54 -16.01
CA ASP A 704 11.19 25.46 -14.95
C ASP A 704 10.66 25.00 -13.60
N LYS A 705 9.35 24.84 -13.50
CA LYS A 705 8.64 24.43 -12.25
C LYS A 705 9.22 23.12 -11.74
N ASN A 706 9.46 22.18 -12.65
CA ASN A 706 9.95 20.82 -12.33
C ASN A 706 11.44 20.86 -11.94
N LEU A 707 12.28 21.60 -12.64
CA LEU A 707 13.72 21.71 -12.28
C LEU A 707 13.85 22.38 -10.91
N ASP A 708 13.11 23.46 -10.67
CA ASP A 708 13.16 24.19 -9.38
C ASP A 708 12.77 23.24 -8.24
N ALA A 709 11.73 22.45 -8.46
CA ALA A 709 11.18 21.52 -7.45
C ALA A 709 12.21 20.47 -7.05
N ALA A 710 13.14 20.12 -7.94
CA ALA A 710 14.21 19.14 -7.67
C ALA A 710 15.41 19.80 -6.97
N GLN A 711 15.41 21.12 -6.77
CA GLN A 711 16.60 21.82 -6.22
C GLN A 711 16.34 22.19 -4.77
N ASN A 712 17.41 22.50 -4.05
CA ASN A 712 17.33 23.14 -2.70
C ASN A 712 16.60 22.21 -1.72
N GLY A 713 16.66 20.89 -1.91
CA GLY A 713 16.09 19.91 -0.98
C GLY A 713 14.71 19.43 -1.40
N GLY A 714 14.12 20.08 -2.41
CA GLY A 714 12.91 19.59 -3.08
C GLY A 714 11.66 20.26 -2.57
N LYS A 715 10.62 20.19 -3.37
CA LYS A 715 9.26 20.57 -2.91
C LYS A 715 8.22 20.04 -3.87
N ILE A 716 7.02 19.93 -3.33
CA ILE A 716 5.78 19.59 -4.07
C ILE A 716 4.74 20.63 -3.70
N THR A 717 4.33 21.42 -4.69
CA THR A 717 3.53 22.64 -4.48
C THR A 717 2.06 22.26 -4.62
N TYR A 718 1.78 21.13 -5.26
CA TYR A 718 0.38 20.65 -5.40
C TYR A 718 0.27 19.17 -5.01
N ARG A 719 -0.56 18.89 -4.02
CA ARG A 719 -0.88 17.53 -3.53
C ARG A 719 -2.37 17.30 -3.78
N SER A 720 -2.72 16.23 -4.46
CA SER A 720 -4.08 16.11 -5.04
C SER A 720 -5.10 15.86 -3.93
N TRP A 721 -6.37 15.89 -4.30
CA TRP A 721 -7.51 15.95 -3.36
C TRP A 721 -7.88 14.57 -2.81
N ILE A 722 -7.32 13.48 -3.34
CA ILE A 722 -7.51 12.14 -2.75
C ILE A 722 -6.30 11.82 -1.89
N HIS A 723 -6.54 11.56 -0.63
CA HIS A 723 -5.51 11.47 0.43
C HIS A 723 -5.35 10.05 0.93
N HIS A 724 -4.18 9.77 1.53
CA HIS A 724 -3.86 8.48 2.21
C HIS A 724 -4.32 7.33 1.33
N THR A 725 -3.97 7.44 0.06
CA THR A 725 -4.37 6.49 -0.97
C THR A 725 -3.13 5.70 -1.37
N GLN A 726 -3.36 4.72 -2.22
CA GLN A 726 -2.27 4.00 -2.87
C GLN A 726 -2.57 4.05 -4.37
N LEU A 727 -1.54 4.22 -5.15
CA LEU A 727 -1.65 4.22 -6.60
C LEU A 727 -0.28 3.73 -7.02
N GLY A 728 -0.16 2.43 -7.09
CA GLY A 728 1.15 1.77 -7.02
C GLY A 728 1.64 1.79 -5.59
N THR A 729 2.77 1.13 -5.36
CA THR A 729 3.39 1.03 -4.03
C THR A 729 4.84 0.61 -4.23
N THR A 730 5.67 0.81 -3.20
CA THR A 730 7.14 0.86 -3.33
C THR A 730 7.88 0.07 -2.24
N ASN A 731 7.22 -0.47 -1.20
CA ASN A 731 7.97 -1.11 -0.09
C ASN A 731 8.73 -2.34 -0.60
N TRP A 732 8.23 -3.00 -1.63
CA TRP A 732 8.92 -4.13 -2.28
C TRP A 732 10.39 -3.76 -2.60
N THR A 733 10.70 -2.50 -2.86
CA THR A 733 12.09 -2.09 -3.14
C THR A 733 12.98 -2.47 -1.95
N MET A 734 12.48 -2.33 -0.72
CA MET A 734 13.26 -2.61 0.50
C MET A 734 13.51 -4.11 0.60
N VAL A 735 12.49 -4.90 0.35
CA VAL A 735 12.57 -6.36 0.52
C VAL A 735 13.40 -6.97 -0.62
N GLU A 736 13.11 -6.56 -1.86
CA GLU A 736 13.60 -7.24 -3.09
C GLU A 736 14.88 -6.59 -3.64
N ASP A 737 15.07 -5.27 -3.53
CA ASP A 737 16.29 -4.62 -4.09
C ASP A 737 17.32 -4.37 -2.98
N VAL A 738 16.91 -3.72 -1.91
CA VAL A 738 17.89 -3.41 -0.84
C VAL A 738 18.30 -4.73 -0.19
N ALA A 739 17.35 -5.53 0.32
CA ALA A 739 17.70 -6.77 1.01
C ALA A 739 17.96 -7.86 -0.03
N GLY A 740 17.43 -7.71 -1.25
CA GLY A 740 17.79 -8.58 -2.36
C GLY A 740 16.94 -9.80 -2.50
N MET A 741 15.85 -9.95 -1.74
CA MET A 741 15.03 -11.19 -1.81
C MET A 741 14.43 -11.37 -3.22
N VAL A 742 14.73 -12.51 -3.85
CA VAL A 742 14.16 -12.89 -5.16
C VAL A 742 13.24 -14.10 -4.93
N PRO A 743 11.91 -13.92 -4.91
CA PRO A 743 11.00 -15.05 -4.68
C PRO A 743 11.23 -16.10 -5.75
N ARG A 744 11.20 -17.35 -5.34
CA ARG A 744 11.36 -18.48 -6.28
C ARG A 744 10.26 -19.51 -6.02
N GLU A 745 9.90 -20.27 -7.04
CA GLU A 745 8.98 -21.42 -6.84
C GLU A 745 9.70 -22.51 -6.02
N ASP A 746 11.02 -22.67 -6.19
CA ASP A 746 11.76 -23.83 -5.67
C ASP A 746 12.18 -23.55 -4.21
N ASN A 747 13.04 -24.39 -3.64
CA ASN A 747 13.39 -24.35 -2.20
C ASN A 747 14.61 -23.45 -2.03
N LYS A 748 15.17 -22.94 -3.11
CA LYS A 748 16.43 -22.17 -3.01
C LYS A 748 16.12 -20.73 -2.66
N ILE A 749 16.97 -20.10 -1.87
CA ILE A 749 16.83 -18.68 -1.52
C ILE A 749 17.90 -17.91 -2.29
N GLU A 750 17.42 -16.98 -3.08
CA GLU A 750 18.26 -16.15 -3.96
C GLU A 750 18.21 -14.75 -3.40
N LEU A 751 19.38 -14.19 -3.11
CA LEU A 751 19.54 -12.78 -2.77
C LEU A 751 20.29 -12.10 -3.90
N ASN A 752 19.74 -11.00 -4.38
CA ASN A 752 20.35 -10.24 -5.48
C ASN A 752 20.22 -8.78 -5.13
N PRO A 753 20.97 -8.33 -4.11
CA PRO A 753 20.81 -6.97 -3.63
C PRO A 753 21.34 -5.97 -4.65
N ILE A 754 20.69 -4.81 -4.72
CA ILE A 754 21.27 -3.58 -5.31
C ILE A 754 21.90 -2.81 -4.17
N GLU A 755 23.23 -2.82 -4.14
CA GLU A 755 24.00 -2.18 -3.07
C GLU A 755 23.68 -0.69 -3.10
N ILE A 756 23.30 -0.15 -1.96
CA ILE A 756 22.98 1.28 -1.79
C ILE A 756 24.26 1.93 -1.29
N PRO A 757 24.89 2.82 -2.10
CA PRO A 757 26.18 3.42 -1.73
C PRO A 757 26.06 4.11 -0.35
N GLY A 758 27.00 3.82 0.56
CA GLY A 758 27.10 4.49 1.87
C GLY A 758 26.23 3.86 2.94
N TRP A 759 25.46 2.83 2.62
CA TRP A 759 24.63 2.14 3.64
C TRP A 759 25.44 0.97 4.20
N ASN A 760 25.97 1.14 5.41
CA ASN A 760 26.81 0.12 6.11
C ASN A 760 25.94 -0.90 6.85
N TYR A 761 24.64 -0.63 6.96
CA TYR A 761 23.72 -1.61 7.55
C TYR A 761 22.32 -1.47 6.93
N PHE A 762 21.56 -2.54 7.09
CA PHE A 762 20.09 -2.52 6.95
C PHE A 762 19.59 -3.88 7.41
N THR A 763 18.29 -3.99 7.63
CA THR A 763 17.65 -5.30 7.85
C THR A 763 16.22 -5.28 7.35
N VAL A 764 15.84 -6.41 6.79
CA VAL A 764 14.43 -6.77 6.59
C VAL A 764 14.14 -7.98 7.44
N ASN A 765 13.24 -7.80 8.39
CA ASN A 765 12.98 -8.73 9.50
C ASN A 765 11.59 -9.36 9.38
N ASN A 766 11.55 -10.70 9.45
CA ASN A 766 10.32 -11.47 9.68
C ASN A 766 9.43 -11.47 8.44
N LEU A 767 10.02 -11.64 7.28
CA LEU A 767 9.25 -12.11 6.11
C LEU A 767 8.68 -13.50 6.42
N ARG A 768 7.50 -13.78 5.87
CA ARG A 768 6.98 -15.15 5.90
C ARG A 768 7.10 -15.64 4.46
N TYR A 769 7.96 -16.65 4.26
CA TYR A 769 8.38 -17.04 2.90
C TYR A 769 8.54 -18.56 2.88
N HIS A 770 7.69 -19.22 2.10
CA HIS A 770 7.67 -20.69 1.98
C HIS A 770 7.58 -21.33 3.37
N ASP A 771 6.67 -20.84 4.21
CA ASP A 771 6.39 -21.40 5.56
C ASP A 771 7.61 -21.23 6.48
N GLN A 772 8.43 -20.22 6.24
CA GLN A 772 9.60 -19.91 7.09
C GLN A 772 9.56 -18.43 7.43
N ASP A 773 10.00 -18.10 8.64
CA ASP A 773 10.39 -16.72 8.99
C ASP A 773 11.76 -16.48 8.37
N VAL A 774 11.88 -15.39 7.65
CA VAL A 774 13.12 -15.02 6.95
C VAL A 774 13.48 -13.61 7.31
N SER A 775 14.74 -13.42 7.66
CA SER A 775 15.33 -12.10 7.89
C SER A 775 16.64 -12.02 7.14
N ILE A 776 16.94 -10.81 6.73
CA ILE A 776 18.16 -10.46 5.95
C ILE A 776 18.78 -9.30 6.69
N VAL A 777 20.08 -9.40 6.89
CA VAL A 777 20.86 -8.38 7.61
C VAL A 777 22.06 -8.04 6.75
N TRP A 778 22.29 -6.74 6.65
CA TRP A 778 23.59 -6.18 6.23
C TRP A 778 24.15 -5.39 7.40
N ASP A 779 25.36 -5.76 7.83
CA ASP A 779 26.09 -5.05 8.90
C ASP A 779 27.57 -5.17 8.55
N LYS A 780 28.07 -4.29 7.66
CA LYS A 780 29.45 -4.25 7.09
C LYS A 780 30.47 -4.87 8.06
N ASP A 781 30.59 -4.34 9.28
CA ASP A 781 31.61 -4.80 10.27
C ASP A 781 30.96 -5.34 11.55
N GLY A 782 29.65 -5.61 11.54
CA GLY A 782 28.91 -6.20 12.68
C GLY A 782 28.69 -5.21 13.80
N SER A 783 29.18 -3.99 13.66
CA SER A 783 29.17 -3.01 14.76
C SER A 783 27.76 -2.45 14.93
N HIS A 784 26.91 -2.40 13.90
CA HIS A 784 25.57 -1.77 14.06
C HIS A 784 24.62 -2.65 14.90
N TYR A 785 24.49 -3.95 14.61
CA TYR A 785 23.51 -4.85 15.26
C TYR A 785 24.22 -5.77 16.29
N GLY A 786 25.55 -5.81 16.27
CA GLY A 786 26.35 -6.58 17.25
C GLY A 786 26.26 -8.09 16.98
N GLY A 787 26.01 -8.50 15.74
CA GLY A 787 25.93 -9.91 15.35
C GLY A 787 27.05 -10.23 14.38
N PRO A 788 26.86 -11.20 13.49
CA PRO A 788 27.82 -11.47 12.44
C PRO A 788 28.07 -10.20 11.61
N ALA A 789 29.32 -9.95 11.24
CA ALA A 789 29.68 -8.93 10.20
C ALA A 789 29.27 -9.50 8.84
N GLY A 790 28.68 -8.65 8.00
CA GLY A 790 28.43 -8.96 6.59
C GLY A 790 26.95 -9.10 6.30
N TYR A 791 26.66 -9.83 5.24
CA TYR A 791 25.33 -10.04 4.64
C TYR A 791 24.83 -11.42 5.09
N SER A 792 23.89 -11.45 6.04
CA SER A 792 23.38 -12.71 6.65
C SER A 792 21.91 -12.93 6.32
N LEU A 793 21.59 -14.18 6.05
CA LEU A 793 20.22 -14.69 5.91
C LEU A 793 19.89 -15.56 7.10
N TYR A 794 18.73 -15.32 7.70
CA TYR A 794 18.13 -16.13 8.78
C TYR A 794 16.92 -16.81 8.18
N VAL A 795 16.84 -18.13 8.37
CA VAL A 795 15.64 -18.92 7.98
C VAL A 795 15.25 -19.76 9.19
N GLY A 796 13.99 -19.62 9.61
CA GLY A 796 13.38 -20.41 10.69
C GLY A 796 14.02 -20.11 12.02
N GLY A 797 14.53 -18.90 12.23
CA GLY A 797 15.15 -18.51 13.51
C GLY A 797 16.59 -18.99 13.66
N LYS A 798 17.20 -19.54 12.62
CA LYS A 798 18.63 -19.93 12.61
C LYS A 798 19.34 -19.20 11.48
N LEU A 799 20.59 -18.83 11.72
CA LEU A 799 21.50 -18.37 10.64
C LEU A 799 21.53 -19.44 9.56
N ALA A 800 21.25 -19.06 8.31
CA ALA A 800 21.40 -19.90 7.11
C ALA A 800 22.83 -19.72 6.59
N PHE A 801 23.27 -18.48 6.49
CA PHE A 801 24.61 -18.15 5.93
C PHE A 801 24.93 -16.69 6.25
N THR A 802 26.23 -16.41 6.26
CA THR A 802 26.79 -15.06 6.31
C THR A 802 27.76 -14.92 5.14
N SER A 803 27.60 -13.87 4.34
CA SER A 803 28.53 -13.48 3.27
C SER A 803 29.30 -12.24 3.76
N ASP A 804 30.59 -12.14 3.45
CA ASP A 804 31.39 -10.96 3.84
C ASP A 804 30.88 -9.73 3.08
N LYS A 805 30.34 -9.91 1.89
CA LYS A 805 29.86 -8.72 1.13
C LYS A 805 28.45 -8.97 0.58
N LEU A 806 27.80 -7.87 0.21
CA LEU A 806 26.54 -7.87 -0.55
C LEU A 806 26.83 -8.47 -1.92
N ALA A 807 26.10 -9.51 -2.29
CA ALA A 807 26.40 -10.24 -3.53
C ALA A 807 25.16 -11.01 -3.92
N HIS A 808 25.14 -11.41 -5.17
CA HIS A 808 24.13 -12.28 -5.78
C HIS A 808 24.48 -13.71 -5.38
N LEU A 809 23.69 -14.28 -4.46
CA LEU A 809 23.91 -15.61 -3.84
C LEU A 809 22.66 -16.45 -4.05
N ILE A 810 22.86 -17.70 -4.45
CA ILE A 810 21.78 -18.69 -4.47
C ILE A 810 22.13 -19.75 -3.44
N TYR A 811 21.33 -19.80 -2.37
CA TYR A 811 21.46 -20.77 -1.26
C TYR A 811 20.52 -21.96 -1.50
N ASP A 812 21.06 -23.19 -1.53
CA ASP A 812 20.26 -24.43 -1.55
C ASP A 812 20.26 -24.99 -0.12
N PRO A 813 19.17 -24.81 0.65
CA PRO A 813 19.14 -25.30 2.02
C PRO A 813 19.26 -26.84 2.13
N ALA A 814 18.69 -27.55 1.17
CA ALA A 814 18.72 -29.03 1.09
C ALA A 814 20.16 -29.51 0.89
N ALA A 815 21.02 -28.73 0.22
CA ALA A 815 22.41 -29.14 -0.09
C ALA A 815 23.39 -28.42 0.82
N GLY A 816 22.99 -27.35 1.53
CA GLY A 816 23.93 -26.57 2.35
C GLY A 816 24.93 -25.81 1.51
N THR A 817 24.61 -25.50 0.25
CA THR A 817 25.49 -24.78 -0.72
C THR A 817 24.99 -23.37 -0.99
N VAL A 818 25.94 -22.43 -1.10
CA VAL A 818 25.70 -21.06 -1.60
C VAL A 818 26.56 -20.88 -2.85
N GLU A 819 25.92 -20.65 -4.00
CA GLU A 819 26.59 -20.26 -5.26
C GLU A 819 26.70 -18.74 -5.33
N VAL A 820 27.90 -18.23 -5.55
CA VAL A 820 28.15 -16.79 -5.79
C VAL A 820 27.92 -16.56 -7.28
N LYS A 821 26.95 -15.74 -7.67
CA LYS A 821 26.51 -15.66 -9.09
C LYS A 821 27.16 -14.48 -9.81
N ASP A 822 27.80 -13.56 -9.09
CA ASP A 822 28.32 -12.30 -9.68
C ASP A 822 29.85 -12.44 -9.73
N ASP A 823 30.58 -11.37 -10.01
CA ASP A 823 32.06 -11.44 -10.03
C ASP A 823 32.57 -10.97 -8.67
N SER A 824 31.74 -10.96 -7.63
CA SER A 824 32.25 -10.62 -6.28
C SER A 824 33.13 -11.79 -5.85
N SER A 825 34.03 -11.57 -4.92
CA SER A 825 34.80 -12.74 -4.46
C SER A 825 34.23 -13.06 -3.10
N ALA A 826 32.90 -13.11 -3.03
CA ALA A 826 32.15 -13.17 -1.77
C ALA A 826 32.53 -14.49 -1.06
N GLN A 827 32.95 -14.37 0.20
CA GLN A 827 33.30 -15.46 1.13
C GLN A 827 32.03 -15.78 1.91
N VAL A 828 31.44 -16.95 1.69
CA VAL A 828 30.17 -17.31 2.36
C VAL A 828 30.41 -18.48 3.32
N THR A 829 29.86 -18.39 4.52
CA THR A 829 29.82 -19.49 5.51
C THR A 829 28.35 -19.84 5.79
N VAL A 830 28.02 -21.13 5.74
CA VAL A 830 26.67 -21.65 6.06
C VAL A 830 26.61 -21.81 7.56
N GLY A 831 25.49 -21.41 8.18
CA GLY A 831 25.26 -21.55 9.63
C GLY A 831 25.32 -23.00 10.07
N ALA A 832 25.92 -23.24 11.24
CA ALA A 832 26.14 -24.60 11.80
C ALA A 832 24.77 -25.26 12.04
N GLU A 833 23.72 -24.47 12.27
CA GLU A 833 22.37 -25.01 12.52
C GLU A 833 21.36 -24.63 11.43
N ALA A 834 21.77 -24.45 10.17
CA ALA A 834 20.87 -23.98 9.11
C ALA A 834 19.69 -24.94 8.95
N VAL A 835 18.48 -24.41 8.82
CA VAL A 835 17.28 -25.21 8.48
C VAL A 835 17.42 -25.74 7.05
N LYS A 836 17.38 -27.06 6.86
CA LYS A 836 17.62 -27.70 5.55
C LYS A 836 16.30 -27.93 4.82
N ASN A 837 15.19 -28.01 5.54
CA ASN A 837 13.93 -28.58 5.02
C ASN A 837 12.99 -27.44 4.57
N VAL A 838 13.55 -26.43 3.92
CA VAL A 838 12.78 -25.31 3.31
C VAL A 838 11.95 -25.87 2.17
N LYS A 839 10.65 -25.62 2.24
CA LYS A 839 9.69 -26.04 1.20
C LYS A 839 9.86 -25.22 -0.09
N ALA A 840 9.57 -25.86 -1.22
CA ALA A 840 9.21 -25.20 -2.50
C ALA A 840 7.78 -24.65 -2.33
N ALA A 841 7.42 -23.61 -3.11
CA ALA A 841 6.09 -22.97 -3.02
C ALA A 841 5.01 -24.07 -3.09
N ASN A 842 5.15 -25.03 -4.01
CA ASN A 842 4.05 -25.98 -4.27
C ASN A 842 4.05 -27.13 -3.23
N GLN A 843 4.84 -27.01 -2.18
CA GLN A 843 4.84 -28.01 -1.07
C GLN A 843 4.14 -27.41 0.15
N VAL A 844 3.78 -26.12 0.10
CA VAL A 844 3.07 -25.42 1.21
C VAL A 844 1.61 -25.87 1.13
N THR A 845 1.03 -26.20 2.28
CA THR A 845 -0.39 -26.56 2.41
C THR A 845 -1.06 -25.59 3.38
N PHE A 846 -2.37 -25.48 3.29
CA PHE A 846 -3.11 -24.58 4.21
C PHE A 846 -4.00 -25.44 5.10
N ASN A 847 -4.15 -25.02 6.35
CA ASN A 847 -4.97 -25.80 7.32
C ASN A 847 -6.14 -24.93 7.77
N ALA A 848 -7.02 -25.53 8.56
CA ALA A 848 -8.29 -24.92 9.00
C ALA A 848 -8.02 -23.69 9.90
N ASP A 849 -6.81 -23.49 10.38
CA ASP A 849 -6.43 -22.31 11.21
C ASP A 849 -5.71 -21.23 10.41
N GLN A 850 -5.77 -21.29 9.09
CA GLN A 850 -5.27 -20.22 8.21
C GLN A 850 -6.46 -19.66 7.47
N ARG A 851 -6.63 -18.35 7.49
CA ARG A 851 -7.77 -17.66 6.88
C ARG A 851 -7.76 -17.94 5.38
N VAL A 852 -6.59 -18.07 4.77
CA VAL A 852 -6.44 -18.28 3.31
C VAL A 852 -7.23 -19.54 2.89
N THR A 853 -7.38 -20.51 3.77
CA THR A 853 -8.11 -21.76 3.45
C THR A 853 -9.58 -21.43 3.14
N ASP A 854 -10.14 -20.47 3.87
CA ASP A 854 -11.56 -20.06 3.71
C ASP A 854 -11.73 -19.31 2.37
N LEU A 855 -10.67 -18.71 1.82
CA LEU A 855 -10.75 -18.06 0.50
C LEU A 855 -11.08 -19.11 -0.55
N PHE A 856 -10.53 -20.31 -0.42
CA PHE A 856 -10.67 -21.36 -1.47
C PHE A 856 -11.76 -22.37 -1.11
N ALA A 857 -12.13 -22.56 0.14
CA ALA A 857 -13.04 -23.65 0.57
C ALA A 857 -14.43 -23.10 0.93
N THR A 861 -14.12 -27.09 8.73
CA THR A 861 -12.67 -26.97 8.96
C THR A 861 -11.99 -28.02 8.06
N ASN A 862 -11.53 -27.58 6.90
CA ASN A 862 -10.82 -28.44 5.94
C ASN A 862 -9.42 -27.84 5.78
N VAL A 863 -8.57 -28.57 5.09
CA VAL A 863 -7.20 -28.12 4.78
C VAL A 863 -7.15 -27.93 3.25
N LEU A 864 -6.14 -27.26 2.74
CA LEU A 864 -5.90 -27.20 1.29
C LEU A 864 -4.57 -27.87 1.07
N GLU A 865 -4.62 -29.10 0.54
CA GLU A 865 -3.43 -29.91 0.19
C GLU A 865 -3.44 -30.28 -1.32
C1 PEG B . -10.38 6.29 30.81
O1 PEG B . -9.63 7.43 31.18
C2 PEG B . -9.59 5.34 29.96
O2 PEG B . -9.06 6.02 28.82
C3 PEG B . -8.29 5.19 27.93
C4 PEG B . -7.88 6.05 26.75
O4 PEG B . -7.07 7.16 27.14
C1 PGE C . -7.40 -4.16 10.60
O1 PGE C . -7.06 -4.98 9.50
C2 PGE C . -8.30 -3.02 10.25
O2 PGE C . -7.56 -1.95 9.67
C3 PGE C . -8.19 -1.36 8.54
C4 PGE C . -7.70 -1.90 7.24
O4 PGE C . -7.71 -5.43 7.00
C6 PGE C . -8.86 -4.57 7.02
C5 PGE C . -8.93 -3.52 5.90
O3 PGE C . -8.78 -2.15 6.34
C1 EDO D . 0.86 -10.67 20.31
O1 EDO D . 1.74 -11.39 21.18
C2 EDO D . 1.23 -10.54 18.88
O2 EDO D . 0.31 -11.15 17.90
C1 PEG E . -14.11 13.66 -1.46
O1 PEG E . -15.38 13.91 -0.92
C2 PEG E . -14.12 12.51 -2.39
O2 PEG E . -12.87 12.42 -3.06
C3 PEG E . -12.94 11.60 -4.23
C4 PEG E . -13.47 12.38 -5.38
O4 PEG E . -13.71 11.58 -6.48
O1 PG4 F . -4.95 9.97 -37.21
C1 PG4 F . -5.62 8.94 -37.94
C2 PG4 F . -5.80 9.28 -39.36
O2 PG4 F . -6.37 8.19 -40.07
C3 PG4 F . -5.49 7.10 -40.33
C4 PG4 F . -4.36 7.42 -41.28
O3 PG4 F . -3.35 6.43 -41.07
C5 PG4 F . -2.16 6.66 -41.78
C6 PG4 F . -0.98 6.21 -40.99
O4 PG4 F . -0.04 7.28 -40.94
C7 PG4 F . -0.34 8.24 -39.94
C8 PG4 F . 0.75 9.26 -39.88
O5 PG4 F . 0.32 10.53 -40.28
C1 PEG G . 7.37 -27.80 -19.76
O1 PEG G . 7.43 -28.55 -18.55
C2 PEG G . 6.31 -26.74 -19.75
O2 PEG G . 6.53 -25.83 -18.68
C3 PEG G . 6.68 -24.48 -19.12
C4 PEG G . 6.94 -23.61 -17.95
O4 PEG G . 8.26 -23.72 -17.49
C1 PGE H . -4.95 -23.19 -23.40
O1 PGE H . -4.05 -22.59 -24.30
C2 PGE H . -4.57 -23.00 -21.97
O2 PGE H . -5.67 -23.37 -21.13
C3 PGE H . -6.46 -22.26 -20.77
C4 PGE H . -7.85 -22.64 -20.45
O4 PGE H . -10.74 -22.61 -23.27
C6 PGE H . -10.96 -21.74 -22.15
C5 PGE H . -10.08 -22.07 -20.98
O3 PGE H . -8.72 -21.97 -21.37
C1 PEG I . 12.90 -15.77 -21.87
O1 PEG I . 11.88 -16.67 -21.49
C2 PEG I . 13.05 -14.61 -20.94
O2 PEG I . 14.29 -13.94 -21.21
C3 PEG I . 15.41 -14.42 -20.46
C4 PEG I . 16.44 -14.99 -21.39
O4 PEG I . 17.75 -14.51 -21.14
C1 EDO J . 19.96 -9.39 -31.63
O1 EDO J . 19.22 -10.61 -31.73
C2 EDO J . 19.08 -8.21 -31.51
O2 EDO J . 19.48 -7.08 -32.25
C1 EDO K . 1.55 -3.77 -40.70
O1 EDO K . 2.94 -3.62 -40.47
C2 EDO K . 0.92 -2.56 -41.27
O2 EDO K . 1.03 -2.47 -42.69
C1 PEG L . 14.87 -13.14 -16.81
O1 PEG L . 15.55 -13.56 -15.63
C2 PEG L . 15.23 -11.74 -17.20
O2 PEG L . 15.29 -10.88 -16.06
C3 PEG L . 14.07 -10.81 -15.30
C4 PEG L . 13.80 -9.40 -14.86
O4 PEG L . 12.86 -9.35 -13.80
C1 EDO M . 22.79 9.55 -23.86
O1 EDO M . 23.48 8.71 -22.95
C2 EDO M . 21.33 9.40 -23.78
O2 EDO M . 20.64 10.35 -24.57
C1 PEG N . -0.64 10.70 -12.31
O1 PEG N . 0.56 10.49 -13.03
C2 PEG N . -1.70 9.74 -12.68
O2 PEG N . -2.77 9.85 -11.74
C3 PEG N . -4.06 10.01 -12.34
C4 PEG N . -4.38 11.46 -12.50
O4 PEG N . -5.77 11.73 -12.51
C1 EDO O . 31.99 -15.16 6.21
O1 EDO O . 32.52 -16.13 5.37
C2 EDO O . 32.82 -13.94 6.27
O2 EDO O . 32.15 -12.85 6.88
C1 PGE P . -18.72 -19.22 -25.39
O1 PGE P . -18.28 -19.63 -24.11
C2 PGE P . -19.86 -18.26 -25.31
O2 PGE P . -20.20 -17.76 -26.60
C3 PGE P . -20.13 -16.35 -26.68
C4 PGE P . -21.37 -15.74 -26.10
O4 PGE P . -20.28 -12.45 -23.50
C6 PGE P . -20.42 -13.60 -24.32
C5 PGE P . -21.61 -13.54 -25.22
O3 PGE P . -21.40 -14.35 -26.37
C1 EDO Q . 28.72 -24.13 -1.43
O1 EDO Q . 29.94 -24.03 -2.13
C2 EDO Q . 28.87 -24.02 0.06
O2 EDO Q . 28.79 -22.71 0.58
C1 EDO R . 15.42 -31.49 2.75
O1 EDO R . 15.43 -32.76 3.36
C2 EDO R . 14.37 -31.34 1.72
O2 EDO R . 13.38 -30.35 2.01
C1 PEG S . -23.06 17.03 42.74
O1 PEG S . -23.68 16.99 43.99
C2 PEG S . -24.04 17.05 41.60
O2 PEG S . -24.55 18.37 41.42
C3 PEG S . -25.65 18.40 40.52
C4 PEG S . -25.97 19.82 40.22
O4 PEG S . -26.73 20.40 41.23
C1 PEG T . -6.85 -16.17 -30.25
O1 PEG T . -6.75 -16.86 -28.99
C2 PEG T . -5.74 -15.19 -30.43
O2 PEG T . -5.43 -14.97 -31.80
C3 PEG T . -4.12 -14.42 -31.98
C4 PEG T . -3.05 -15.49 -31.92
O4 PEG T . -2.06 -15.36 -32.95
C1 EDO U . -8.40 18.36 4.02
O1 EDO U . -9.37 18.99 4.85
C2 EDO U . -9.02 17.30 3.27
O2 EDO U . -9.49 17.73 2.01
C1 EDO V . 21.09 19.18 -1.06
O1 EDO V . 19.83 18.68 -0.70
C2 EDO V . 21.10 19.51 -2.48
O2 EDO V . 20.46 20.77 -2.73
C1 EDO W . -26.85 -10.89 14.00
O1 EDO W . -26.13 -12.03 14.43
C2 EDO W . -27.06 -10.86 12.54
O2 EDO W . -28.35 -10.36 12.14
C1 PGE X . 1.50 29.34 -10.49
O1 PGE X . 0.09 29.48 -10.48
C2 PGE X . 2.13 30.22 -11.48
O2 PGE X . 2.89 29.44 -12.39
C3 PGE X . 3.48 30.22 -13.44
C4 PGE X . 2.71 30.01 -14.71
O4 PGE X . 3.56 26.34 -17.54
C6 PGE X . 3.56 27.79 -17.59
C5 PGE X . 2.66 28.47 -16.56
O3 PGE X . 3.47 29.26 -15.66
CA CA Y . -2.02 -6.52 -31.69
CA CA Z . 12.68 28.02 -19.07
CA CA AA . 16.68 3.07 10.56
#